data_4UVK
#
_entry.id   4UVK
#
_cell.length_a   73.372
_cell.length_b   109.176
_cell.length_c   159.029
_cell.angle_alpha   90.00
_cell.angle_beta   90.00
_cell.angle_gamma   90.00
#
_symmetry.space_group_name_H-M   'P 21 21 21'
#
loop_
_entity.id
_entity.type
_entity.pdbx_description
1 polymer ZYRO0D15994P
2 water water
#
_entity_poly.entity_id   1
_entity_poly.type   'polypeptide(L)'
_entity_poly.pdbx_seq_one_letter_code
;SKQDQETYLETIKDFQPTELFQVLATSEDLSIDELLRDSLESYSQDRDRFLQEFINLLLCCCGAIARLEVHDVHSNESSN
ETVGELQLLFQRQKVHEFHLLISKDSKKKSKYPPLYANFVEFMFRLMDVANDLQLLYVESDEDESEIGTGPLIIDLLTWL
SPLSVCKIRSLRYIATLTLYLFQDFLTDHVVDLDKNYLSKLSKQLSVENKKKRPNGKTVEKLESTIAEIQSSKMVTQGII
DNIIKLCFVHRFKDVDETIRCESMVHLASWTKSFPEYFLKVTFLKYFGWLLSDSSVTVRLQVLKILPQLISQHHNRAVDN
SAVRQFFERFKERILEIALKDSNLEVRLSAVQVLVEVASLGYLEDTEILSISSLIFEDNEIKVSSLGKNSRYLASVAKFF
ACITEEKFQEFTNNRVLPKELFDVKGSSAVRIGIFMNLLNESLTEYLQKVPQIGSEKRIHILFQAAEFLYPYFGSLIKDI
CKVLTFEGEFTHESLETPTYTGDNNNEENNDENNRSNLLLPTDSNNIILYVTTLHGLAYGGTHMRGQPKFKVAEAVLPHL
DQLIKRLPIESSNVLASILGVFNLFAFEDWIHTGYEKDIRKILEKIIKAFNESTLTSGAQDLKYKSFSETVSQVRKLGFN
ELDELWLNHISQLKIHLGKFLEEKLHPDVQDTENDENMNTLYGVFLNKLALLGKVYPIEFQENLLSLFLNRFVQRLPQIG
VHCQLETIQEIHLKLLALLTTWQLQKWVDILEKSSENDSPSPVSEFSLRTVSSIVKSFKVIFDALSSDTNDNDGTLGDFL
LKWSTSNSFIDIIISLKVFELGVAESEKSWRHALRENFVPYVTDSANQVLLKVFLYLESLFANESSEHLDRNPQEDVNLN
DIKYDGFGDGCEKELLLFTIKLKGLMKLGLLDEALFSRIALNKEKLGPLYAKVIEDTIFDQDKKGRVPHHHHHH
;
_entity_poly.pdbx_strand_id   A
#
# COMPACT_ATOMS: atom_id res chain seq x y z
N SER A 1 33.83 14.84 60.93
CA SER A 1 33.72 13.39 61.18
C SER A 1 32.30 12.88 61.03
N LYS A 2 31.35 13.66 61.53
CA LYS A 2 29.96 13.21 61.57
C LYS A 2 29.48 13.07 60.12
N GLN A 3 29.68 14.17 59.39
CA GLN A 3 29.51 14.19 57.95
C GLN A 3 30.29 13.09 57.20
N ASP A 4 31.58 12.91 57.51
CA ASP A 4 32.33 11.77 56.93
C ASP A 4 31.56 10.45 57.07
N GLN A 5 31.14 10.13 58.28
CA GLN A 5 30.43 8.87 58.52
C GLN A 5 29.11 8.76 57.73
N GLU A 6 28.38 9.86 57.64
CA GLU A 6 27.16 9.89 56.84
C GLU A 6 27.45 9.65 55.37
N THR A 7 28.44 10.36 54.82
CA THR A 7 28.90 10.14 53.45
C THR A 7 29.28 8.66 53.31
N TYR A 8 29.95 8.13 54.34
CA TYR A 8 30.38 6.74 54.32
C TYR A 8 29.19 5.78 54.20
N LEU A 9 28.16 5.94 55.05
CA LEU A 9 26.97 5.05 55.00
C LEU A 9 26.21 5.16 53.68
N GLU A 10 26.16 6.39 53.15
CA GLU A 10 25.52 6.68 51.85
C GLU A 10 26.20 5.88 50.76
N THR A 11 27.52 5.77 50.87
CA THR A 11 28.36 5.13 49.88
C THR A 11 28.22 3.61 49.95
N ILE A 12 28.28 3.01 51.14
CA ILE A 12 28.26 1.55 51.21
C ILE A 12 26.85 0.96 51.21
N LYS A 13 25.83 1.80 51.20
CA LYS A 13 24.45 1.31 51.16
C LYS A 13 24.11 0.68 49.81
N ASP A 14 23.44 -0.47 49.85
CA ASP A 14 22.96 -1.08 48.61
C ASP A 14 21.41 -1.14 48.62
N PHE A 15 20.81 -1.51 47.48
CA PHE A 15 19.34 -1.61 47.37
C PHE A 15 18.70 -2.66 48.31
N GLN A 16 17.82 -2.22 49.21
CA GLN A 16 17.08 -3.11 50.10
C GLN A 16 15.57 -2.92 50.02
N PRO A 17 14.82 -3.94 49.63
CA PRO A 17 13.37 -3.70 49.47
C PRO A 17 12.66 -3.43 50.81
N THR A 18 11.76 -2.45 50.90
CA THR A 18 10.97 -2.30 52.12
C THR A 18 9.87 -3.37 52.12
N GLU A 19 9.17 -3.48 53.25
CA GLU A 19 8.18 -4.53 53.41
C GLU A 19 7.04 -4.38 52.40
N LEU A 20 6.46 -3.16 52.37
CA LEU A 20 5.38 -2.84 51.44
C LEU A 20 5.84 -3.00 49.98
N PHE A 21 7.05 -2.55 49.66
CA PHE A 21 7.58 -2.82 48.33
C PHE A 21 7.56 -4.32 48.04
N GLN A 22 8.07 -5.12 48.98
CA GLN A 22 8.18 -6.57 48.78
C GLN A 22 6.84 -7.21 48.51
N VAL A 23 5.82 -6.86 49.30
CA VAL A 23 4.55 -7.54 49.11
C VAL A 23 4.01 -7.12 47.73
N LEU A 24 4.05 -5.82 47.44
CA LEU A 24 3.58 -5.30 46.14
C LEU A 24 4.40 -5.85 44.96
N ALA A 25 5.72 -5.98 45.11
CA ALA A 25 6.54 -6.34 43.94
C ALA A 25 6.58 -7.84 43.60
N THR A 26 6.17 -8.69 44.55
CA THR A 26 6.35 -10.13 44.41
C THR A 26 5.05 -10.97 44.54
N SER A 27 3.96 -10.42 45.10
CA SER A 27 2.71 -11.24 45.22
C SER A 27 1.90 -11.33 43.95
N GLU A 28 1.63 -12.57 43.55
CA GLU A 28 1.02 -12.81 42.25
C GLU A 28 -0.47 -12.88 42.37
N ASP A 29 -0.97 -13.25 43.54
CA ASP A 29 -2.41 -13.20 43.77
C ASP A 29 -2.65 -12.44 45.07
N LEU A 30 -2.76 -11.12 44.96
CA LEU A 30 -2.79 -10.23 46.12
C LEU A 30 -4.17 -9.61 46.28
N SER A 31 -4.71 -9.61 47.50
CA SER A 31 -5.92 -8.85 47.78
C SER A 31 -5.48 -7.44 48.11
N ILE A 32 -5.53 -6.56 47.12
CA ILE A 32 -5.02 -5.22 47.30
C ILE A 32 -5.90 -4.45 48.29
N ASP A 33 -7.13 -4.90 48.48
CA ASP A 33 -8.04 -4.16 49.36
C ASP A 33 -7.73 -4.38 50.82
N GLU A 34 -7.44 -5.64 51.18
CA GLU A 34 -6.94 -5.97 52.50
C GLU A 34 -5.60 -5.22 52.77
N LEU A 35 -4.69 -5.28 51.81
CA LEU A 35 -3.44 -4.54 51.92
C LEU A 35 -3.64 -3.05 52.31
N LEU A 36 -4.54 -2.35 51.59
CA LEU A 36 -4.81 -0.92 51.85
C LEU A 36 -5.47 -0.68 53.23
N ARG A 37 -6.42 -1.54 53.59
CA ARG A 37 -7.02 -1.48 54.90
C ARG A 37 -5.92 -1.51 55.97
N ASP A 38 -4.96 -2.43 55.85
CA ASP A 38 -3.87 -2.50 56.82
C ASP A 38 -3.07 -1.22 56.84
N SER A 39 -2.62 -0.77 55.66
CA SER A 39 -1.73 0.41 55.64
C SER A 39 -2.43 1.68 56.11
N LEU A 40 -3.67 1.85 55.64
CA LEU A 40 -4.40 3.07 55.94
C LEU A 40 -4.75 3.16 57.41
N GLU A 41 -5.05 2.00 58.02
CA GLU A 41 -5.28 1.92 59.47
C GLU A 41 -4.01 2.34 60.21
N SER A 42 -2.85 1.96 59.69
CA SER A 42 -1.59 2.28 60.34
C SER A 42 -1.33 3.79 60.31
N TYR A 43 -1.86 4.44 59.28
CA TYR A 43 -1.71 5.89 59.15
C TYR A 43 -2.21 6.58 60.40
N SER A 44 -3.36 6.13 60.91
CA SER A 44 -4.00 6.79 62.04
C SER A 44 -3.22 6.47 63.31
N GLN A 45 -2.54 5.32 63.33
CA GLN A 45 -1.75 4.95 64.49
C GLN A 45 -0.42 5.67 64.53
N ASP A 46 0.30 5.64 63.41
CA ASP A 46 1.61 6.28 63.31
C ASP A 46 1.77 6.96 61.94
N ARG A 47 1.31 8.20 61.85
CA ARG A 47 1.37 8.96 60.62
C ARG A 47 2.78 8.92 60.02
N ASP A 48 3.76 9.40 60.76
CA ASP A 48 5.13 9.46 60.24
C ASP A 48 5.60 8.14 59.64
N ARG A 49 5.22 7.03 60.27
CA ARG A 49 5.77 5.74 59.89
C ARG A 49 5.10 5.30 58.56
N PHE A 50 3.82 5.65 58.39
CA PHE A 50 3.09 5.39 57.15
C PHE A 50 3.66 6.20 55.98
N LEU A 51 3.87 7.49 56.22
CA LEU A 51 4.40 8.38 55.23
C LEU A 51 5.77 7.89 54.79
N GLN A 52 6.57 7.49 55.76
CA GLN A 52 7.87 6.98 55.46
C GLN A 52 7.74 5.75 54.53
N GLU A 53 6.86 4.81 54.89
CA GLU A 53 6.75 3.57 54.12
C GLU A 53 6.30 3.91 52.69
N PHE A 54 5.42 4.89 52.59
CA PHE A 54 4.85 5.32 51.33
C PHE A 54 5.97 5.81 50.41
N ILE A 55 6.65 6.88 50.80
CA ILE A 55 7.78 7.39 50.02
C ILE A 55 8.85 6.31 49.73
N ASN A 56 9.19 5.47 50.71
CA ASN A 56 10.23 4.48 50.46
C ASN A 56 9.73 3.45 49.41
N LEU A 57 8.41 3.24 49.36
CA LEU A 57 7.87 2.38 48.33
C LEU A 57 8.14 2.99 46.94
N LEU A 58 7.86 4.29 46.82
CA LEU A 58 8.17 5.05 45.61
C LEU A 58 9.64 4.90 45.25
N LEU A 59 10.52 5.10 46.25
CA LEU A 59 11.95 5.00 45.99
C LEU A 59 12.35 3.60 45.51
N CYS A 60 11.76 2.53 46.07
CA CYS A 60 12.06 1.17 45.60
C CYS A 60 11.61 0.89 44.16
N CYS A 61 10.44 1.40 43.81
CA CYS A 61 9.92 1.26 42.44
C CYS A 61 10.85 1.94 41.38
N CYS A 62 11.60 2.97 41.78
CA CYS A 62 12.49 3.65 40.84
C CYS A 62 13.88 3.06 40.85
N GLY A 63 14.07 2.11 41.74
CA GLY A 63 15.35 1.43 41.89
C GLY A 63 16.37 2.27 42.66
N ALA A 64 15.91 3.31 43.35
CA ALA A 64 16.75 4.12 44.23
C ALA A 64 17.24 3.32 45.44
N ILE A 65 18.52 3.52 45.81
CA ILE A 65 19.10 2.91 47.01
C ILE A 65 18.69 3.72 48.24
N ALA A 66 18.67 5.06 48.08
CA ALA A 66 18.36 5.97 49.18
C ALA A 66 17.00 5.70 49.87
N ARG A 67 16.89 6.05 51.15
CA ARG A 67 15.67 5.80 51.93
C ARG A 67 15.44 6.90 52.94
N LEU A 68 14.17 7.18 53.22
CA LEU A 68 13.83 8.15 54.24
C LEU A 68 13.82 7.41 55.55
N GLU A 69 13.93 8.16 56.64
CA GLU A 69 13.79 7.65 58.00
C GLU A 69 12.53 8.32 58.56
N VAL A 70 11.81 7.64 59.46
CA VAL A 70 10.60 8.23 60.07
C VAL A 70 10.73 9.71 60.49
N HIS A 71 11.83 10.10 61.13
CA HIS A 71 11.95 11.52 61.51
C HIS A 71 11.96 12.43 60.26
N ASP A 72 12.48 11.94 59.14
CA ASP A 72 12.62 12.74 57.93
C ASP A 72 11.29 13.31 57.44
N VAL A 73 10.22 12.56 57.66
CA VAL A 73 8.92 12.92 57.12
C VAL A 73 8.08 13.57 58.19
N HIS A 74 8.66 13.74 59.37
CA HIS A 74 7.92 14.29 60.50
C HIS A 74 7.29 15.65 60.19
N SER A 75 8.06 16.54 59.56
CA SER A 75 7.53 17.87 59.25
C SER A 75 7.15 18.02 57.78
N ASN A 76 5.95 18.56 57.54
CA ASN A 76 5.48 18.89 56.19
C ASN A 76 6.15 20.16 55.60
N GLU A 77 6.78 20.98 56.44
CA GLU A 77 7.54 22.13 55.94
C GLU A 77 8.96 21.73 55.53
N SER A 78 9.27 20.46 55.74
CA SER A 78 10.57 19.91 55.34
C SER A 78 10.57 19.32 53.94
N SER A 79 9.36 19.07 53.41
CA SER A 79 9.15 18.19 52.28
C SER A 79 10.01 18.56 51.09
N ASN A 80 9.99 19.84 50.70
CA ASN A 80 10.78 20.23 49.53
C ASN A 80 12.26 19.99 49.70
N GLU A 81 12.75 20.28 50.90
CA GLU A 81 14.16 20.15 51.23
C GLU A 81 14.55 18.66 51.25
N THR A 82 13.69 17.84 51.85
CA THR A 82 13.97 16.42 51.91
C THR A 82 13.95 15.83 50.50
N VAL A 83 12.97 16.18 49.68
CA VAL A 83 12.95 15.63 48.34
C VAL A 83 14.23 16.12 47.68
N GLY A 84 14.56 17.39 47.92
CA GLY A 84 15.85 17.91 47.51
C GLY A 84 17.04 17.02 47.86
N GLU A 85 17.12 16.57 49.10
CA GLU A 85 18.22 15.70 49.51
C GLU A 85 18.10 14.36 48.81
N LEU A 86 16.89 13.78 48.74
CA LEU A 86 16.72 12.52 48.01
C LEU A 86 17.19 12.68 46.59
N GLN A 87 16.81 13.78 45.97
CA GLN A 87 17.23 14.05 44.59
C GLN A 87 18.78 14.01 44.45
N LEU A 88 19.44 14.64 45.40
CA LEU A 88 20.89 14.66 45.38
C LEU A 88 21.45 13.26 45.43
N LEU A 89 20.98 12.49 46.41
CA LEU A 89 21.38 11.09 46.54
C LEU A 89 21.09 10.28 45.28
N PHE A 90 19.94 10.50 44.65
CA PHE A 90 19.58 9.67 43.52
C PHE A 90 20.36 10.07 42.24
N GLN A 91 20.70 11.34 42.11
CA GLN A 91 21.59 11.75 41.02
C GLN A 91 22.97 11.11 41.15
N ARG A 92 23.45 10.94 42.39
CA ARG A 92 24.78 10.38 42.61
C ARG A 92 24.84 8.89 42.25
N GLN A 93 23.70 8.21 42.34
CA GLN A 93 23.70 6.78 42.01
C GLN A 93 23.89 6.62 40.49
N LYS A 94 24.91 5.86 40.14
CA LYS A 94 25.32 5.78 38.75
C LYS A 94 24.35 4.88 37.98
N VAL A 95 23.86 3.83 38.64
CA VAL A 95 23.07 2.82 37.95
C VAL A 95 21.73 2.69 38.62
N HIS A 96 20.65 2.66 37.83
CA HIS A 96 19.33 2.41 38.41
C HIS A 96 18.31 1.80 37.49
N GLU A 97 17.88 0.61 37.87
CA GLU A 97 16.77 -0.08 37.24
C GLU A 97 15.45 0.56 37.66
N PHE A 98 14.69 1.07 36.69
CA PHE A 98 13.32 1.51 36.95
C PHE A 98 12.33 0.31 37.04
N HIS A 99 12.35 -0.37 38.18
CA HIS A 99 11.58 -1.61 38.32
C HIS A 99 10.12 -1.49 37.94
N LEU A 100 9.48 -0.38 38.30
CA LEU A 100 8.07 -0.23 38.06
C LEU A 100 7.80 -0.37 36.57
N LEU A 101 8.59 0.35 35.76
CA LEU A 101 8.38 0.36 34.32
C LEU A 101 9.03 -0.83 33.63
N ILE A 102 9.94 -1.54 34.32
CA ILE A 102 10.49 -2.76 33.73
C ILE A 102 9.45 -3.85 33.88
N SER A 103 8.73 -3.81 34.99
CA SER A 103 7.61 -4.72 35.22
C SER A 103 6.55 -4.52 34.14
N LYS A 104 6.37 -3.26 33.76
CA LYS A 104 5.28 -2.86 32.86
C LYS A 104 5.60 -3.26 31.45
N ASP A 105 6.71 -2.74 30.95
CA ASP A 105 7.11 -2.96 29.56
C ASP A 105 7.77 -4.34 29.31
N SER A 106 8.27 -5.03 30.34
CA SER A 106 9.00 -6.31 30.15
C SER A 106 8.69 -7.35 31.23
N LYS A 107 7.42 -7.62 31.50
CA LYS A 107 7.05 -8.50 32.60
C LYS A 107 7.95 -9.74 32.64
N LYS A 108 8.18 -10.34 31.47
CA LYS A 108 8.94 -11.59 31.36
C LYS A 108 10.38 -11.44 31.83
N LYS A 109 11.02 -10.30 31.56
CA LYS A 109 12.43 -10.09 31.92
C LYS A 109 12.60 -9.36 33.21
N SER A 110 11.54 -9.26 34.00
CA SER A 110 11.59 -8.30 35.07
C SER A 110 11.81 -9.00 36.41
N LYS A 111 12.51 -8.34 37.32
CA LYS A 111 12.73 -8.92 38.65
C LYS A 111 11.45 -8.96 39.48
N TYR A 112 10.43 -8.20 39.07
CA TYR A 112 9.25 -8.05 39.87
C TYR A 112 7.99 -8.04 39.01
N PRO A 113 7.73 -9.16 38.35
CA PRO A 113 6.69 -9.26 37.32
C PRO A 113 5.36 -8.64 37.72
N PRO A 114 4.85 -8.95 38.91
CA PRO A 114 3.54 -8.37 39.21
C PRO A 114 3.57 -6.91 39.69
N LEU A 115 4.75 -6.27 39.77
CA LEU A 115 4.86 -5.00 40.51
C LEU A 115 3.96 -3.93 39.89
N TYR A 116 3.98 -3.82 38.56
CA TYR A 116 3.20 -2.80 37.90
C TYR A 116 1.69 -2.91 38.17
N ALA A 117 1.09 -4.05 37.81
CA ALA A 117 -0.34 -4.26 38.01
C ALA A 117 -0.77 -3.96 39.47
N ASN A 118 -0.02 -4.49 40.44
CA ASN A 118 -0.26 -4.23 41.87
C ASN A 118 -0.10 -2.78 42.25
N PHE A 119 0.94 -2.16 41.70
CA PHE A 119 1.16 -0.78 41.98
C PHE A 119 0.02 0.11 41.46
N VAL A 120 -0.48 -0.09 40.23
CA VAL A 120 -1.54 0.81 39.75
C VAL A 120 -2.87 0.49 40.47
N GLU A 121 -3.15 -0.79 40.72
CA GLU A 121 -4.35 -1.21 41.47
C GLU A 121 -4.39 -0.61 42.87
N PHE A 122 -3.22 -0.64 43.51
CA PHE A 122 -3.02 -0.11 44.86
C PHE A 122 -3.29 1.40 44.87
N MET A 123 -2.68 2.13 43.97
CA MET A 123 -2.80 3.58 44.04
C MET A 123 -4.16 3.99 43.54
N PHE A 124 -4.73 3.21 42.63
CA PHE A 124 -6.06 3.50 42.17
C PHE A 124 -7.14 3.31 43.24
N ARG A 125 -7.05 2.28 44.08
CA ARG A 125 -8.05 2.01 45.14
C ARG A 125 -7.69 2.74 46.44
N LEU A 126 -6.45 3.23 46.53
CA LEU A 126 -5.97 3.83 47.79
C LEU A 126 -7.03 4.76 48.35
N MET A 127 -7.60 5.55 47.47
CA MET A 127 -8.37 6.68 47.87
C MET A 127 -9.83 6.27 48.11
N ASP A 128 -10.19 5.14 47.53
CA ASP A 128 -11.50 4.54 47.84
C ASP A 128 -11.52 3.93 49.24
N VAL A 129 -10.53 3.10 49.54
CA VAL A 129 -10.46 2.52 50.87
C VAL A 129 -10.29 3.67 51.89
N ALA A 130 -9.52 4.71 51.54
CA ALA A 130 -9.41 5.84 52.47
C ALA A 130 -10.81 6.29 52.83
N ASN A 131 -11.71 6.25 51.85
CA ASN A 131 -13.01 6.82 52.07
C ASN A 131 -13.82 5.90 52.97
N ASP A 132 -13.78 4.60 52.67
CA ASP A 132 -14.36 3.57 53.53
C ASP A 132 -13.97 3.76 55.00
N LEU A 133 -12.70 4.12 55.26
CA LEU A 133 -12.15 4.36 56.61
C LEU A 133 -12.29 5.83 57.09
N GLN A 134 -13.07 6.62 56.36
CA GLN A 134 -13.31 8.03 56.67
C GLN A 134 -12.04 8.83 56.88
N LEU A 135 -11.04 8.55 56.04
CA LEU A 135 -9.77 9.29 56.02
C LEU A 135 -9.74 10.48 55.05
N LEU A 136 -10.71 10.52 54.12
CA LEU A 136 -10.79 11.45 52.96
C LEU A 136 -11.49 12.78 53.27
N TYR A 137 -12.77 12.71 53.69
CA TYR A 137 -13.52 13.91 54.10
C TYR A 137 -13.17 14.44 55.50
N VAL A 138 -13.26 13.60 56.53
CA VAL A 138 -13.31 14.13 57.90
C VAL A 138 -13.96 15.52 57.86
N GLY A 148 -13.92 19.69 55.19
CA GLY A 148 -12.46 19.79 55.23
C GLY A 148 -11.69 18.58 54.70
N THR A 149 -10.58 18.82 54.03
CA THR A 149 -9.79 17.70 53.54
C THR A 149 -9.12 16.97 54.70
N GLY A 150 -9.24 15.64 54.67
CA GLY A 150 -8.49 14.79 55.57
C GLY A 150 -6.98 15.03 55.52
N PRO A 151 -6.31 14.92 56.68
CA PRO A 151 -4.85 15.11 56.65
C PRO A 151 -4.14 14.02 55.87
N LEU A 152 -4.79 12.87 55.67
CA LEU A 152 -4.17 11.82 54.83
C LEU A 152 -3.81 12.45 53.47
N ILE A 153 -4.82 13.07 52.87
CA ILE A 153 -4.74 13.61 51.53
C ILE A 153 -3.73 14.73 51.49
N ILE A 154 -3.87 15.66 52.43
CA ILE A 154 -2.93 16.76 52.57
C ILE A 154 -1.49 16.26 52.69
N ASP A 155 -1.30 15.17 53.44
CA ASP A 155 0.04 14.65 53.63
C ASP A 155 0.58 14.14 52.31
N LEU A 156 -0.16 13.22 51.71
CA LEU A 156 0.15 12.67 50.42
C LEU A 156 0.47 13.74 49.36
N LEU A 157 -0.30 14.82 49.29
CA LEU A 157 -0.04 15.83 48.25
C LEU A 157 1.20 16.63 48.53
N THR A 158 1.53 16.77 49.82
CA THR A 158 2.68 17.57 50.24
C THR A 158 4.00 16.94 49.79
N TRP A 159 4.00 15.62 49.68
CA TRP A 159 5.19 14.89 49.32
C TRP A 159 5.20 14.50 47.85
N LEU A 160 4.01 14.28 47.28
CA LEU A 160 3.91 13.92 45.86
C LEU A 160 4.21 15.13 44.98
N SER A 161 3.79 16.31 45.43
CA SER A 161 3.95 17.50 44.61
C SER A 161 5.43 17.77 44.31
N PRO A 162 6.28 17.90 45.34
CA PRO A 162 7.70 18.18 45.09
C PRO A 162 8.40 17.06 44.34
N LEU A 163 8.00 15.81 44.55
CA LEU A 163 8.58 14.68 43.81
C LEU A 163 8.15 14.74 42.34
N SER A 164 6.94 15.24 42.09
CA SER A 164 6.44 15.32 40.73
C SER A 164 7.08 16.42 39.88
N VAL A 165 7.80 17.34 40.50
CA VAL A 165 8.47 18.38 39.72
C VAL A 165 9.96 18.37 39.89
N CYS A 166 10.54 17.28 40.38
CA CYS A 166 12.01 17.26 40.58
C CYS A 166 12.78 16.86 39.33
N LYS A 167 14.10 16.97 39.40
CA LYS A 167 14.96 16.75 38.24
C LYS A 167 15.16 15.27 37.85
N ILE A 168 14.66 14.35 38.68
CA ILE A 168 14.77 12.92 38.35
C ILE A 168 13.51 12.46 37.58
N ARG A 169 13.68 12.15 36.30
CA ARG A 169 12.57 11.67 35.46
C ARG A 169 11.72 10.54 36.15
N SER A 170 12.42 9.56 36.69
CA SER A 170 11.85 8.41 37.41
C SER A 170 10.89 8.77 38.55
N LEU A 171 11.35 9.68 39.41
CA LEU A 171 10.58 10.08 40.56
C LEU A 171 9.41 10.89 40.07
N ARG A 172 9.70 11.72 39.07
CA ARG A 172 8.69 12.54 38.46
C ARG A 172 7.60 11.66 37.84
N TYR A 173 8.01 10.61 37.15
CA TYR A 173 7.03 9.73 36.52
C TYR A 173 6.18 9.04 37.59
N ILE A 174 6.81 8.38 38.55
CA ILE A 174 6.03 7.64 39.54
C ILE A 174 5.10 8.52 40.43
N ALA A 175 5.51 9.73 40.76
CA ALA A 175 4.66 10.64 41.53
C ALA A 175 3.48 11.07 40.66
N THR A 176 3.78 11.44 39.42
CA THR A 176 2.73 11.87 38.52
C THR A 176 1.72 10.74 38.29
N LEU A 177 2.20 9.55 37.98
CA LEU A 177 1.28 8.43 37.85
C LEU A 177 0.46 8.17 39.14
N THR A 178 1.08 8.35 40.32
CA THR A 178 0.34 8.16 41.58
C THR A 178 -0.77 9.18 41.69
N LEU A 179 -0.42 10.45 41.57
CA LEU A 179 -1.43 11.52 41.44
C LEU A 179 -2.56 11.26 40.42
N TYR A 180 -2.22 10.76 39.24
CA TYR A 180 -3.22 10.59 38.18
C TYR A 180 -4.19 9.43 38.51
N LEU A 181 -3.63 8.40 39.15
CA LEU A 181 -4.40 7.23 39.55
C LEU A 181 -5.37 7.63 40.65
N PHE A 182 -4.91 8.48 41.57
CA PHE A 182 -5.80 9.12 42.53
C PHE A 182 -6.93 9.79 41.74
N GLN A 183 -6.60 10.55 40.70
CA GLN A 183 -7.67 11.29 40.05
C GLN A 183 -8.58 10.44 39.23
N ASP A 184 -8.07 9.30 38.74
CA ASP A 184 -8.95 8.40 37.99
C ASP A 184 -10.12 8.16 38.93
N PHE A 185 -9.81 7.90 40.20
CA PHE A 185 -10.85 7.48 41.12
C PHE A 185 -11.72 8.67 41.58
N LEU A 186 -11.09 9.80 41.89
CA LEU A 186 -11.81 10.92 42.52
C LEU A 186 -12.85 11.46 41.56
N THR A 187 -12.46 11.48 40.28
CA THR A 187 -13.32 11.97 39.25
C THR A 187 -14.54 11.05 39.12
N ASP A 188 -14.33 9.73 39.12
CA ASP A 188 -15.45 8.75 39.15
C ASP A 188 -16.28 8.99 40.42
N HIS A 189 -15.62 9.28 41.54
CA HIS A 189 -16.28 9.31 42.84
C HIS A 189 -17.20 10.52 42.95
N VAL A 190 -16.75 11.71 42.52
CA VAL A 190 -17.63 12.90 42.56
C VAL A 190 -18.95 12.65 41.82
N VAL A 191 -18.90 12.04 40.63
CA VAL A 191 -20.15 11.88 39.90
C VAL A 191 -20.95 10.84 40.63
N ASP A 192 -20.26 9.81 41.11
CA ASP A 192 -20.89 8.74 41.85
C ASP A 192 -21.74 9.32 42.96
N LEU A 193 -21.19 10.27 43.72
CA LEU A 193 -21.88 10.87 44.86
C LEU A 193 -23.14 11.56 44.37
N ASP A 194 -23.01 12.33 43.30
CA ASP A 194 -24.12 12.99 42.64
C ASP A 194 -25.21 12.04 42.18
N LYS A 195 -24.92 11.26 41.16
CA LYS A 195 -25.95 10.51 40.50
C LYS A 195 -26.50 9.37 41.35
N ASN A 196 -25.74 8.89 42.34
CA ASN A 196 -26.15 7.71 43.09
C ASN A 196 -26.51 7.93 44.56
N TYR A 197 -26.32 9.15 45.05
CA TYR A 197 -26.57 9.45 46.46
C TYR A 197 -27.42 10.70 46.60
N LEU A 198 -26.90 11.85 46.16
CA LEU A 198 -27.59 13.12 46.36
C LEU A 198 -28.88 13.16 45.58
N SER A 199 -28.82 12.63 44.36
CA SER A 199 -29.98 12.56 43.49
C SER A 199 -31.01 11.61 44.11
N LYS A 200 -30.55 10.52 44.71
CA LYS A 200 -31.48 9.58 45.34
C LYS A 200 -32.11 10.19 46.59
N LEU A 201 -31.36 11.05 47.28
CA LEU A 201 -31.83 11.67 48.53
C LEU A 201 -32.63 12.97 48.33
N SER A 202 -32.38 13.69 47.24
CA SER A 202 -33.18 14.89 46.90
C SER A 202 -34.61 14.52 46.55
N LYS A 203 -34.74 13.60 45.60
CA LYS A 203 -36.00 12.97 45.25
C LYS A 203 -36.79 12.64 46.54
N GLN A 204 -36.14 11.93 47.45
CA GLN A 204 -36.79 11.53 48.69
C GLN A 204 -36.84 12.65 49.72
N LEU A 205 -36.25 13.80 49.41
CA LEU A 205 -36.44 14.99 50.24
C LEU A 205 -37.66 15.73 49.73
N SER A 206 -38.00 15.47 48.46
CA SER A 206 -39.05 16.20 47.76
C SER A 206 -40.37 15.42 47.81
N VAL A 207 -40.28 14.11 47.96
CA VAL A 207 -41.47 13.25 48.05
C VAL A 207 -41.95 13.07 49.50
N GLU A 208 -41.04 13.19 50.46
CA GLU A 208 -41.45 13.24 51.87
C GLU A 208 -41.62 14.69 52.29
N ASN A 209 -42.44 15.42 51.55
CA ASN A 209 -42.81 16.77 51.93
C ASN A 209 -44.32 16.87 52.13
N LYS A 210 -45.07 16.17 51.29
CA LYS A 210 -46.52 16.05 51.43
C LYS A 210 -46.87 14.57 51.58
N LYS A 211 -48.10 14.21 51.98
CA LYS A 211 -49.25 15.11 52.14
C LYS A 211 -49.37 15.69 53.57
N LYS A 212 -49.33 17.01 53.70
CA LYS A 212 -49.42 17.68 54.99
C LYS A 212 -49.07 16.72 56.14
N ARG A 213 -48.10 15.84 55.90
CA ARG A 213 -47.66 14.89 56.92
C ARG A 213 -46.14 14.66 56.77
N PRO A 214 -45.40 15.76 56.48
CA PRO A 214 -43.95 15.60 56.40
C PRO A 214 -43.40 15.15 57.75
N ASN A 215 -42.72 14.02 57.78
CA ASN A 215 -42.28 13.42 59.04
C ASN A 215 -41.39 14.31 59.92
N GLY A 216 -40.90 15.44 59.41
CA GLY A 216 -40.24 16.44 60.23
C GLY A 216 -38.94 16.04 60.94
N LYS A 217 -38.92 14.86 61.56
CA LYS A 217 -37.70 14.23 62.08
C LYS A 217 -36.94 13.52 60.95
N THR A 218 -37.68 13.25 59.88
CA THR A 218 -37.15 12.50 58.78
C THR A 218 -36.78 13.48 57.67
N VAL A 219 -37.46 14.61 57.67
CA VAL A 219 -37.09 15.73 56.82
C VAL A 219 -35.83 16.42 57.41
N GLU A 220 -35.42 16.02 58.61
CA GLU A 220 -34.24 16.59 59.26
C GLU A 220 -33.04 15.65 59.10
N LYS A 221 -33.33 14.36 58.97
CA LYS A 221 -32.31 13.34 58.75
C LYS A 221 -31.87 13.35 57.28
N LEU A 222 -32.78 13.78 56.41
CA LEU A 222 -32.49 13.89 54.97
C LEU A 222 -31.60 15.12 54.64
N GLU A 223 -31.95 16.29 55.16
CA GLU A 223 -31.15 17.48 54.91
C GLU A 223 -29.79 17.26 55.53
N SER A 224 -29.77 16.41 56.55
CA SER A 224 -28.57 16.10 57.29
C SER A 224 -27.54 15.36 56.43
N THR A 225 -27.93 14.24 55.85
CA THR A 225 -27.00 13.44 55.09
C THR A 225 -26.80 14.03 53.68
N ILE A 226 -27.85 14.67 53.15
CA ILE A 226 -27.70 15.42 51.91
C ILE A 226 -26.70 16.55 52.09
N ALA A 227 -26.67 17.13 53.27
CA ALA A 227 -25.72 18.20 53.52
C ALA A 227 -24.31 17.65 53.76
N GLU A 228 -24.22 16.47 54.40
CA GLU A 228 -22.94 15.81 54.59
C GLU A 228 -22.39 15.43 53.22
N ILE A 229 -23.23 14.75 52.45
CA ILE A 229 -22.77 14.19 51.20
C ILE A 229 -22.31 15.26 50.22
N GLN A 230 -23.01 16.38 50.17
CA GLN A 230 -22.58 17.47 49.28
C GLN A 230 -21.30 18.13 49.81
N SER A 231 -21.13 18.18 51.11
CA SER A 231 -19.94 18.77 51.70
C SER A 231 -18.71 17.96 51.28
N SER A 232 -18.93 16.67 51.11
CA SER A 232 -17.84 15.76 50.83
C SER A 232 -17.61 15.67 49.29
N LYS A 233 -18.66 15.98 48.53
CA LYS A 233 -18.58 16.16 47.08
C LYS A 233 -17.64 17.32 46.81
N MET A 234 -17.67 18.31 47.71
CA MET A 234 -16.84 19.48 47.55
C MET A 234 -15.41 19.20 47.98
N VAL A 235 -15.22 18.41 49.02
CA VAL A 235 -13.86 18.13 49.44
C VAL A 235 -13.23 17.33 48.30
N THR A 236 -14.01 16.44 47.70
CA THR A 236 -13.50 15.65 46.60
C THR A 236 -13.14 16.55 45.39
N GLN A 237 -14.02 17.48 45.03
CA GLN A 237 -13.71 18.31 43.88
C GLN A 237 -12.48 19.18 44.15
N GLY A 238 -12.29 19.46 45.42
CA GLY A 238 -11.19 20.29 45.85
C GLY A 238 -9.87 19.66 45.53
N ILE A 239 -9.76 18.34 45.77
CA ILE A 239 -8.54 17.59 45.51
C ILE A 239 -8.34 17.44 44.01
N ILE A 240 -9.45 17.26 43.29
CA ILE A 240 -9.44 17.25 41.81
C ILE A 240 -8.90 18.56 41.23
N ASP A 241 -9.40 19.71 41.70
CA ASP A 241 -8.84 21.01 41.32
C ASP A 241 -7.33 21.04 41.56
N ASN A 242 -6.94 20.64 42.75
CA ASN A 242 -5.52 20.59 43.11
C ASN A 242 -4.57 19.76 42.24
N ILE A 243 -4.93 18.51 42.02
CA ILE A 243 -4.10 17.65 41.21
C ILE A 243 -3.97 18.23 39.80
N ILE A 244 -5.04 18.84 39.29
CA ILE A 244 -4.91 19.62 38.04
C ILE A 244 -3.89 20.78 38.16
N LYS A 245 -4.08 21.62 39.17
CA LYS A 245 -3.24 22.81 39.47
C LYS A 245 -1.77 22.46 39.80
N LEU A 246 -1.55 21.37 40.50
CA LEU A 246 -0.20 21.01 40.94
C LEU A 246 0.57 20.14 39.93
N CYS A 247 -0.16 19.34 39.18
CA CYS A 247 0.46 18.25 38.48
C CYS A 247 0.17 18.38 36.97
N PHE A 248 -1.07 18.06 36.59
CA PHE A 248 -1.38 17.88 35.15
C PHE A 248 -1.00 19.07 34.25
N VAL A 249 -1.25 20.26 34.77
CA VAL A 249 -1.00 21.51 34.08
C VAL A 249 0.51 21.78 33.84
N HIS A 250 1.36 21.13 34.63
CA HIS A 250 2.81 21.19 34.41
C HIS A 250 3.36 19.90 33.77
N ARG A 251 2.81 18.74 34.18
CA ARG A 251 3.26 17.46 33.65
C ARG A 251 2.80 17.19 32.21
N PHE A 252 1.70 17.77 31.76
CA PHE A 252 1.29 17.48 30.37
C PHE A 252 2.39 17.92 29.35
N LYS A 253 3.27 18.85 29.75
CA LYS A 253 4.35 19.27 28.87
C LYS A 253 5.74 19.06 29.49
N ASP A 254 5.82 17.98 30.26
CA ASP A 254 7.09 17.46 30.72
C ASP A 254 8.05 17.22 29.55
N VAL A 255 9.34 17.44 29.78
CA VAL A 255 10.33 17.14 28.76
C VAL A 255 10.33 15.65 28.36
N ASP A 256 9.89 14.74 29.27
CA ASP A 256 9.79 13.31 28.94
C ASP A 256 8.46 12.91 28.24
N GLU A 257 8.56 12.47 26.99
CA GLU A 257 7.41 12.15 26.19
C GLU A 257 6.47 11.15 26.85
N THR A 258 7.02 10.28 27.69
CA THR A 258 6.20 9.23 28.33
C THR A 258 5.26 9.80 29.41
N ILE A 259 5.69 10.89 30.04
CA ILE A 259 4.87 11.54 31.05
C ILE A 259 3.79 12.36 30.32
N ARG A 260 4.16 12.94 29.20
CA ARG A 260 3.16 13.58 28.35
C ARG A 260 2.10 12.59 27.84
N CYS A 261 2.45 11.38 27.38
CA CYS A 261 1.40 10.47 26.89
C CYS A 261 0.52 9.98 28.05
N GLU A 262 1.10 9.80 29.25
CA GLU A 262 0.30 9.43 30.43
C GLU A 262 -0.66 10.53 30.76
N SER A 263 -0.23 11.77 30.57
CA SER A 263 -1.12 12.91 30.78
C SER A 263 -2.32 12.91 29.83
N MET A 264 -2.09 12.59 28.56
CA MET A 264 -3.19 12.47 27.60
C MET A 264 -4.10 11.26 27.92
N VAL A 265 -3.50 10.11 28.24
CA VAL A 265 -4.27 8.96 28.57
C VAL A 265 -5.17 9.23 29.79
N HIS A 266 -4.64 9.93 30.80
CA HIS A 266 -5.42 10.10 32.03
C HIS A 266 -6.48 11.17 31.91
N LEU A 267 -6.17 12.23 31.17
CA LEU A 267 -7.17 13.27 30.90
C LEU A 267 -8.35 12.69 30.11
N ALA A 268 -8.07 11.88 29.10
CA ALA A 268 -9.15 11.16 28.42
C ALA A 268 -10.06 10.44 29.41
N SER A 269 -9.50 9.77 30.43
CA SER A 269 -10.35 9.08 31.44
C SER A 269 -11.15 10.05 32.33
N TRP A 270 -10.50 11.11 32.79
CA TRP A 270 -11.23 12.12 33.55
C TRP A 270 -12.39 12.65 32.70
N THR A 271 -12.17 12.71 31.40
CA THR A 271 -13.18 13.24 30.51
C THR A 271 -14.35 12.24 30.38
N LYS A 272 -14.04 10.95 30.33
CA LYS A 272 -15.10 9.97 30.27
C LYS A 272 -15.81 9.84 31.62
N SER A 273 -15.05 9.94 32.71
CA SER A 273 -15.62 9.79 34.04
C SER A 273 -16.54 10.96 34.40
N PHE A 274 -16.15 12.15 33.96
CA PHE A 274 -16.66 13.37 34.61
C PHE A 274 -16.74 14.55 33.62
N PRO A 275 -17.47 14.36 32.50
CA PRO A 275 -17.55 15.34 31.38
C PRO A 275 -18.05 16.72 31.80
N GLU A 276 -18.91 16.79 32.80
CA GLU A 276 -19.40 18.07 33.24
C GLU A 276 -18.23 18.95 33.68
N TYR A 277 -17.12 18.34 34.09
CA TYR A 277 -15.95 19.10 34.56
C TYR A 277 -14.93 19.16 33.44
N PHE A 278 -14.87 18.11 32.64
CA PHE A 278 -13.75 17.91 31.73
C PHE A 278 -14.08 18.04 30.23
N LEU A 279 -15.33 17.82 29.85
CA LEU A 279 -15.72 18.02 28.46
C LEU A 279 -15.95 19.52 28.21
N LYS A 280 -14.86 20.27 28.22
CA LYS A 280 -14.91 21.69 27.97
C LYS A 280 -13.63 22.07 27.25
N VAL A 281 -13.73 23.04 26.34
CA VAL A 281 -12.58 23.52 25.60
C VAL A 281 -11.37 23.84 26.50
N THR A 282 -11.64 24.28 27.72
CA THR A 282 -10.58 24.51 28.72
C THR A 282 -9.64 23.32 28.95
N PHE A 283 -10.16 22.08 28.79
CA PHE A 283 -9.34 20.85 28.87
C PHE A 283 -9.07 20.21 27.53
N LEU A 284 -10.05 20.26 26.63
CA LEU A 284 -9.81 19.69 25.32
C LEU A 284 -8.60 20.35 24.57
N LYS A 285 -8.31 21.63 24.85
CA LYS A 285 -7.17 22.27 24.17
C LYS A 285 -5.91 21.46 24.40
N TYR A 286 -5.84 20.75 25.54
CA TYR A 286 -4.62 20.04 25.85
C TYR A 286 -4.37 18.99 24.77
N PHE A 287 -5.41 18.24 24.38
CA PHE A 287 -5.30 17.29 23.27
C PHE A 287 -4.84 18.06 22.04
N GLY A 288 -5.50 19.19 21.74
CA GLY A 288 -5.22 19.92 20.51
C GLY A 288 -3.80 20.47 20.43
N TRP A 289 -3.29 20.92 21.58
CA TRP A 289 -1.94 21.43 21.64
C TRP A 289 -0.98 20.30 21.33
N LEU A 290 -1.19 19.16 21.97
CA LEU A 290 -0.20 18.09 21.82
C LEU A 290 -0.33 17.42 20.40
N LEU A 291 -1.41 17.68 19.70
CA LEU A 291 -1.42 17.39 18.29
C LEU A 291 -0.12 17.90 17.59
N SER A 292 0.51 18.95 18.13
CA SER A 292 1.74 19.57 17.55
C SER A 292 3.02 19.17 18.28
N ASP A 293 2.91 18.14 19.08
CA ASP A 293 4.01 17.67 19.84
C ASP A 293 5.07 17.14 18.90
N SER A 294 6.34 17.37 19.26
CA SER A 294 7.47 16.94 18.42
C SER A 294 7.67 15.40 18.42
N SER A 295 7.04 14.71 19.36
CA SER A 295 7.17 13.27 19.47
C SER A 295 6.02 12.45 18.78
N VAL A 296 6.45 11.55 17.88
CA VAL A 296 5.55 10.64 17.15
C VAL A 296 4.62 9.89 18.10
N THR A 297 5.18 9.47 19.21
CA THR A 297 4.43 8.72 20.21
C THR A 297 3.27 9.51 20.75
N VAL A 298 3.51 10.79 21.07
CA VAL A 298 2.47 11.67 21.63
C VAL A 298 1.35 11.97 20.61
N ARG A 299 1.74 12.32 19.38
CA ARG A 299 0.80 12.61 18.32
C ARG A 299 -0.08 11.38 18.05
N LEU A 300 0.56 10.21 17.97
CA LEU A 300 -0.18 8.95 17.89
C LEU A 300 -1.17 8.78 19.03
N GLN A 301 -0.75 9.12 20.23
CA GLN A 301 -1.59 8.87 21.39
C GLN A 301 -2.77 9.82 21.43
N VAL A 302 -2.56 11.09 21.09
CA VAL A 302 -3.68 12.01 21.05
C VAL A 302 -4.65 11.58 19.97
N LEU A 303 -4.11 11.20 18.80
CA LEU A 303 -4.95 10.80 17.67
C LEU A 303 -5.79 9.57 17.97
N LYS A 304 -5.33 8.70 18.88
CA LYS A 304 -6.12 7.50 19.18
C LYS A 304 -7.23 7.81 20.18
N ILE A 305 -7.03 8.89 20.91
CA ILE A 305 -7.98 9.29 21.92
C ILE A 305 -9.18 10.05 21.32
N LEU A 306 -8.94 10.85 20.27
CA LEU A 306 -10.01 11.73 19.72
C LEU A 306 -11.33 11.00 19.35
N PRO A 307 -11.27 9.87 18.59
CA PRO A 307 -12.53 9.16 18.30
C PRO A 307 -13.35 8.86 19.56
N GLN A 308 -12.72 8.23 20.53
CA GLN A 308 -13.37 7.96 21.82
C GLN A 308 -14.10 9.21 22.34
N LEU A 309 -13.39 10.33 22.38
CA LEU A 309 -13.94 11.64 22.78
C LEU A 309 -15.12 12.14 21.89
N ILE A 310 -15.10 11.88 20.59
CA ILE A 310 -16.20 12.34 19.72
C ILE A 310 -17.61 11.92 20.20
N SER A 321 -20.83 19.90 21.40
CA SER A 321 -20.65 21.38 21.47
C SER A 321 -19.31 21.88 22.08
N ALA A 322 -18.83 21.20 23.13
CA ALA A 322 -17.44 21.38 23.53
C ALA A 322 -16.65 20.75 22.44
N VAL A 323 -17.12 19.59 21.97
CA VAL A 323 -16.43 18.86 20.91
C VAL A 323 -16.50 19.60 19.57
N ARG A 324 -17.60 20.30 19.31
CA ARG A 324 -17.72 21.04 18.06
C ARG A 324 -16.65 22.13 18.08
N GLN A 325 -16.55 22.82 19.21
CA GLN A 325 -15.66 23.95 19.31
C GLN A 325 -14.25 23.42 19.20
N PHE A 326 -14.04 22.21 19.71
CA PHE A 326 -12.73 21.61 19.64
C PHE A 326 -12.30 21.40 18.20
N PHE A 327 -13.10 20.67 17.42
CA PHE A 327 -12.79 20.47 16.00
C PHE A 327 -12.74 21.75 15.16
N GLU A 328 -13.48 22.81 15.55
CA GLU A 328 -13.37 24.04 14.79
C GLU A 328 -11.96 24.55 14.95
N ARG A 329 -11.44 24.44 16.18
CA ARG A 329 -10.10 24.96 16.52
C ARG A 329 -8.96 24.09 15.98
N PHE A 330 -9.16 22.76 15.93
CA PHE A 330 -8.01 21.87 15.64
C PHE A 330 -8.10 21.12 14.34
N LYS A 331 -9.18 21.27 13.59
CA LYS A 331 -9.31 20.40 12.43
C LYS A 331 -8.22 20.73 11.43
N GLU A 332 -7.99 22.01 11.24
CA GLU A 332 -6.87 22.44 10.42
C GLU A 332 -5.55 21.71 10.72
N ARG A 333 -5.20 21.57 11.99
CA ARG A 333 -3.94 20.91 12.32
C ARG A 333 -4.03 19.42 12.01
N ILE A 334 -5.21 18.84 12.29
CA ILE A 334 -5.47 17.44 12.00
C ILE A 334 -5.39 17.15 10.50
N LEU A 335 -5.95 18.04 9.69
CA LEU A 335 -5.80 17.97 8.24
C LEU A 335 -4.32 18.01 7.84
N GLU A 336 -3.58 18.94 8.42
CA GLU A 336 -2.19 19.13 8.06
C GLU A 336 -1.36 17.90 8.44
N ILE A 337 -1.73 17.25 9.55
CA ILE A 337 -1.03 16.04 9.94
C ILE A 337 -1.27 14.98 8.88
N ALA A 338 -2.53 14.81 8.49
CA ALA A 338 -2.91 13.72 7.58
C ALA A 338 -2.24 13.89 6.21
N LEU A 339 -1.95 15.14 5.84
CA LEU A 339 -1.29 15.47 4.58
C LEU A 339 0.27 15.54 4.64
N LYS A 340 0.84 16.01 5.74
CA LYS A 340 2.25 16.41 5.73
C LYS A 340 3.12 15.67 6.74
N ASP A 341 2.53 14.89 7.62
CA ASP A 341 3.28 14.41 8.78
C ASP A 341 4.43 13.52 8.31
N SER A 342 5.60 13.68 8.92
CA SER A 342 6.73 12.82 8.61
C SER A 342 6.51 11.36 8.99
N ASN A 343 5.45 11.02 9.71
CA ASN A 343 5.25 9.64 10.10
C ASN A 343 3.93 9.07 9.62
N LEU A 344 4.06 8.07 8.75
CA LEU A 344 2.93 7.49 8.06
C LEU A 344 1.90 6.90 9.03
N GLU A 345 2.36 6.25 10.08
CA GLU A 345 1.42 5.67 11.00
C GLU A 345 0.56 6.77 11.59
N VAL A 346 1.16 7.94 11.83
CA VAL A 346 0.48 9.12 12.38
C VAL A 346 -0.49 9.66 11.34
N ARG A 347 -0.03 9.79 10.10
CA ARG A 347 -0.87 10.30 9.00
C ARG A 347 -2.20 9.50 8.89
N LEU A 348 -2.01 8.20 8.83
CA LEU A 348 -3.07 7.23 8.86
C LEU A 348 -4.00 7.43 10.07
N SER A 349 -3.43 7.64 11.26
CA SER A 349 -4.31 7.84 12.42
C SER A 349 -5.16 9.09 12.22
N ALA A 350 -4.54 10.14 11.71
CA ALA A 350 -5.24 11.40 11.42
C ALA A 350 -6.46 11.20 10.49
N VAL A 351 -6.21 10.54 9.35
CA VAL A 351 -7.28 10.18 8.41
C VAL A 351 -8.45 9.49 9.16
N GLN A 352 -8.13 8.55 10.05
CA GLN A 352 -9.16 7.88 10.85
C GLN A 352 -9.97 8.86 11.69
N VAL A 353 -9.30 9.81 12.30
CA VAL A 353 -10.01 10.83 13.04
C VAL A 353 -10.86 11.59 12.01
N LEU A 354 -10.29 11.87 10.84
CA LEU A 354 -11.04 12.69 9.89
C LEU A 354 -12.29 11.95 9.42
N VAL A 355 -12.34 10.64 9.53
CA VAL A 355 -13.56 9.91 9.15
C VAL A 355 -14.75 10.42 9.96
N GLU A 356 -14.52 10.53 11.25
CA GLU A 356 -15.59 10.90 12.17
C GLU A 356 -15.89 12.37 12.19
N VAL A 357 -14.90 13.22 11.96
CA VAL A 357 -15.17 14.64 11.75
C VAL A 357 -16.09 14.87 10.49
N ALA A 358 -15.80 14.18 9.39
CA ALA A 358 -16.64 14.29 8.20
C ALA A 358 -18.06 13.79 8.51
N SER A 359 -18.14 12.59 9.07
CA SER A 359 -19.43 12.00 9.41
C SER A 359 -20.29 12.98 10.16
N LEU A 360 -19.64 13.92 10.87
CA LEU A 360 -20.28 14.89 11.75
C LEU A 360 -20.58 16.23 11.11
N GLY A 361 -20.16 16.44 9.88
CA GLY A 361 -20.43 17.68 9.19
C GLY A 361 -19.48 18.82 9.46
N TYR A 362 -18.29 18.54 9.97
CA TYR A 362 -17.37 19.58 10.37
C TYR A 362 -16.37 19.93 9.28
N LEU A 363 -16.49 19.26 8.13
CA LEU A 363 -15.49 19.45 7.06
C LEU A 363 -16.04 20.21 5.88
N GLU A 364 -15.30 21.24 5.49
CA GLU A 364 -15.58 22.02 4.29
C GLU A 364 -15.28 21.14 3.03
N ASP A 365 -15.94 21.41 1.91
CA ASP A 365 -15.74 20.67 0.66
C ASP A 365 -14.29 20.59 0.19
N THR A 366 -13.56 21.71 0.17
CA THR A 366 -12.17 21.68 -0.27
C THR A 366 -11.33 20.87 0.72
N GLU A 367 -11.73 20.87 1.99
CA GLU A 367 -11.02 20.06 2.97
C GLU A 367 -11.28 18.58 2.68
N ILE A 368 -12.52 18.23 2.32
CA ILE A 368 -12.85 16.86 1.92
C ILE A 368 -12.03 16.39 0.72
N LEU A 369 -11.95 17.18 -0.35
CA LEU A 369 -11.20 16.73 -1.52
C LEU A 369 -9.75 16.47 -1.21
N SER A 370 -9.16 17.33 -0.40
CA SER A 370 -7.73 17.22 -0.16
C SER A 370 -7.40 15.86 0.49
N ILE A 371 -8.38 15.28 1.19
CA ILE A 371 -8.23 13.96 1.80
C ILE A 371 -8.66 12.82 0.88
N SER A 372 -9.79 12.97 0.20
CA SER A 372 -10.31 11.90 -0.67
C SER A 372 -9.39 11.66 -1.87
N SER A 373 -8.67 12.68 -2.31
CA SER A 373 -7.78 12.49 -3.46
C SER A 373 -6.53 11.79 -3.07
N LEU A 374 -6.34 11.55 -1.76
CA LEU A 374 -5.19 10.82 -1.26
C LEU A 374 -5.28 9.36 -1.66
N ILE A 375 -6.44 8.96 -2.16
CA ILE A 375 -6.66 7.56 -2.52
C ILE A 375 -5.85 7.26 -3.77
N PHE A 376 -5.43 8.30 -4.48
CA PHE A 376 -4.61 8.11 -5.67
C PHE A 376 -3.14 8.30 -5.36
N GLU A 377 -2.30 7.30 -5.64
CA GLU A 377 -0.86 7.39 -5.40
C GLU A 377 0.05 6.71 -6.47
N ASP A 378 1.07 7.44 -6.91
CA ASP A 378 1.96 6.99 -7.96
C ASP A 378 2.59 5.64 -7.72
N ASN A 379 2.92 5.38 -6.46
CA ASN A 379 3.56 4.11 -6.08
C ASN A 379 2.68 2.86 -6.10
N GLU A 380 3.29 1.73 -6.44
CA GLU A 380 2.67 0.41 -6.32
C GLU A 380 2.45 0.04 -4.85
N ILE A 381 1.20 -0.03 -4.42
CA ILE A 381 0.87 -0.45 -3.06
C ILE A 381 -0.01 -1.67 -3.11
N LYS A 382 0.41 -2.75 -2.48
CA LYS A 382 -0.32 -4.00 -2.63
C LYS A 382 -1.49 -4.09 -1.66
N VAL A 383 -2.63 -4.54 -2.18
CA VAL A 383 -3.87 -4.53 -1.40
C VAL A 383 -3.89 -5.69 -0.40
N SER A 384 -3.03 -6.68 -0.62
CA SER A 384 -2.90 -7.81 0.31
C SER A 384 -1.97 -7.53 1.49
N SER A 385 -1.13 -6.49 1.39
CA SER A 385 -0.14 -6.19 2.44
C SER A 385 -0.67 -5.63 3.77
N LEU A 386 0.04 -5.93 4.85
CA LEU A 386 -0.28 -5.38 6.17
C LEU A 386 0.62 -4.20 6.49
N GLY A 387 1.48 -3.83 5.54
CA GLY A 387 2.33 -2.66 5.69
C GLY A 387 1.60 -1.36 6.02
N LYS A 388 2.37 -0.33 6.25
CA LYS A 388 1.85 0.96 6.63
C LYS A 388 1.15 1.58 5.44
N ASN A 389 1.84 1.54 4.29
CA ASN A 389 1.33 2.08 3.02
C ASN A 389 -0.04 1.54 2.67
N SER A 390 -0.16 0.23 2.73
CA SER A 390 -1.41 -0.40 2.49
C SER A 390 -2.46 0.02 3.51
N ARG A 391 -2.13 0.02 4.80
CA ARG A 391 -3.11 0.44 5.83
C ARG A 391 -3.44 1.95 5.76
N TYR A 392 -2.54 2.74 5.19
CA TYR A 392 -2.81 4.16 5.05
C TYR A 392 -3.85 4.34 3.94
N LEU A 393 -3.65 3.71 2.78
CA LEU A 393 -4.62 3.80 1.69
C LEU A 393 -5.96 3.27 2.17
N ALA A 394 -5.94 2.19 2.94
CA ALA A 394 -7.18 1.64 3.42
C ALA A 394 -7.97 2.64 4.30
N SER A 395 -7.29 3.52 5.02
CA SER A 395 -8.04 4.40 5.92
C SER A 395 -8.56 5.59 5.14
N VAL A 396 -7.88 5.93 4.02
CA VAL A 396 -8.39 6.89 3.02
C VAL A 396 -9.63 6.35 2.28
N ALA A 397 -9.55 5.11 1.83
CA ALA A 397 -10.75 4.47 1.32
C ALA A 397 -11.90 4.53 2.33
N LYS A 398 -11.60 4.43 3.63
CA LYS A 398 -12.67 4.51 4.65
C LYS A 398 -13.29 5.90 4.65
N PHE A 399 -12.45 6.92 4.54
CA PHE A 399 -12.90 8.31 4.50
C PHE A 399 -13.78 8.56 3.27
N PHE A 400 -13.34 8.03 2.12
CA PHE A 400 -13.99 8.19 0.84
C PHE A 400 -15.39 7.56 0.99
N ALA A 401 -15.44 6.30 1.40
CA ALA A 401 -16.72 5.65 1.70
C ALA A 401 -17.68 6.53 2.51
N CYS A 402 -17.17 7.22 3.51
CA CYS A 402 -18.05 8.04 4.38
C CYS A 402 -18.56 9.33 3.66
N ILE A 403 -17.68 10.05 2.97
CA ILE A 403 -18.13 11.17 2.13
C ILE A 403 -19.27 10.76 1.16
N THR A 404 -19.04 9.65 0.48
CA THR A 404 -19.98 9.05 -0.44
C THR A 404 -21.36 8.85 0.20
N GLU A 405 -21.37 8.25 1.38
CA GLU A 405 -22.62 8.00 2.09
C GLU A 405 -23.28 9.33 2.47
N GLU A 406 -22.47 10.31 2.89
CA GLU A 406 -23.06 11.60 3.28
C GLU A 406 -23.70 12.24 2.08
N LYS A 407 -23.00 12.24 0.94
CA LYS A 407 -23.54 12.83 -0.28
C LYS A 407 -24.80 12.11 -0.72
N PHE A 408 -24.84 10.80 -0.57
CA PHE A 408 -26.05 10.09 -0.95
C PHE A 408 -27.21 10.60 -0.12
N GLN A 409 -27.07 10.62 1.19
CA GLN A 409 -28.18 11.07 2.04
C GLN A 409 -28.62 12.52 1.72
N GLU A 410 -27.66 13.38 1.51
CA GLU A 410 -27.90 14.73 1.10
C GLU A 410 -28.68 14.77 -0.25
N PHE A 411 -28.39 13.87 -1.19
CA PHE A 411 -29.01 13.91 -2.51
C PHE A 411 -30.47 13.43 -2.50
N THR A 412 -30.72 12.39 -1.71
CA THR A 412 -31.99 11.69 -1.70
C THR A 412 -32.90 12.24 -0.60
N ASN A 413 -32.41 13.23 0.12
CA ASN A 413 -33.13 13.77 1.26
C ASN A 413 -34.53 14.38 0.96
N ASN A 414 -34.65 15.16 -0.10
CA ASN A 414 -36.01 15.58 -0.53
C ASN A 414 -36.65 14.58 -1.53
N ARG A 415 -35.81 14.05 -2.43
CA ARG A 415 -36.25 13.25 -3.57
C ARG A 415 -36.90 11.93 -3.21
N VAL A 416 -37.85 11.52 -4.03
CA VAL A 416 -38.18 10.12 -4.16
C VAL A 416 -37.67 9.75 -5.54
N LEU A 417 -37.07 8.57 -5.62
CA LEU A 417 -36.49 8.08 -6.86
C LEU A 417 -37.44 6.99 -7.34
N PRO A 418 -37.30 6.60 -8.61
CA PRO A 418 -38.11 5.47 -9.07
C PRO A 418 -37.67 4.14 -8.44
N LYS A 419 -38.57 3.16 -8.39
CA LYS A 419 -38.20 1.82 -8.00
C LYS A 419 -36.89 1.51 -8.74
N GLU A 420 -36.81 1.94 -10.01
CA GLU A 420 -35.74 1.53 -10.87
C GLU A 420 -35.22 2.63 -11.82
N LEU A 421 -33.89 2.79 -11.84
CA LEU A 421 -33.18 3.57 -12.85
C LEU A 421 -32.12 2.69 -13.54
N PHE A 422 -32.08 2.81 -14.85
CA PHE A 422 -31.08 2.16 -15.71
C PHE A 422 -30.82 0.69 -15.42
N ASP A 423 -31.87 -0.07 -15.10
CA ASP A 423 -31.80 -1.56 -14.97
C ASP A 423 -31.44 -2.07 -13.57
N VAL A 424 -31.25 -1.14 -12.62
CA VAL A 424 -30.98 -1.43 -11.21
C VAL A 424 -31.91 -0.60 -10.29
N LYS A 425 -31.90 -0.90 -8.98
CA LYS A 425 -32.73 -0.09 -8.03
C LYS A 425 -32.29 1.35 -8.15
N GLY A 426 -33.27 2.27 -8.13
CA GLY A 426 -33.01 3.69 -8.16
C GLY A 426 -31.90 4.09 -7.19
N SER A 427 -32.03 3.63 -5.96
CA SER A 427 -31.04 3.99 -4.93
C SER A 427 -29.65 3.53 -5.36
N SER A 428 -29.55 2.37 -5.98
CA SER A 428 -28.25 1.87 -6.43
C SER A 428 -27.62 2.81 -7.48
N ALA A 429 -28.44 3.22 -8.46
CA ALA A 429 -27.97 3.99 -9.59
C ALA A 429 -27.44 5.31 -9.03
N VAL A 430 -28.16 5.86 -8.06
CA VAL A 430 -27.71 7.12 -7.46
C VAL A 430 -26.36 6.92 -6.78
N ARG A 431 -26.26 5.87 -5.94
CA ARG A 431 -25.03 5.54 -5.22
C ARG A 431 -23.86 5.36 -6.19
N ILE A 432 -24.10 4.64 -7.28
CA ILE A 432 -23.04 4.42 -8.25
C ILE A 432 -22.64 5.75 -8.90
N GLY A 433 -23.63 6.58 -9.24
CA GLY A 433 -23.35 7.86 -9.85
C GLY A 433 -22.62 8.85 -8.92
N ILE A 434 -22.95 8.83 -7.62
CA ILE A 434 -22.32 9.70 -6.64
C ILE A 434 -20.86 9.27 -6.40
N PHE A 435 -20.67 7.99 -6.11
CA PHE A 435 -19.36 7.33 -6.03
C PHE A 435 -18.44 7.67 -7.20
N MET A 436 -18.94 7.44 -8.40
CA MET A 436 -18.14 7.57 -9.60
C MET A 436 -17.79 9.05 -9.82
N ASN A 437 -18.75 9.92 -9.52
CA ASN A 437 -18.49 11.35 -9.51
C ASN A 437 -17.40 11.81 -8.53
N LEU A 438 -17.41 11.29 -7.30
CA LEU A 438 -16.40 11.68 -6.32
C LEU A 438 -15.08 11.09 -6.73
N LEU A 439 -15.16 9.99 -7.45
CA LEU A 439 -13.95 9.32 -7.83
C LEU A 439 -13.31 10.26 -8.83
N ASN A 440 -14.11 10.77 -9.77
CA ASN A 440 -13.60 11.66 -10.79
C ASN A 440 -13.21 13.08 -10.28
N GLU A 441 -13.99 13.65 -9.37
CA GLU A 441 -13.58 14.91 -8.71
C GLU A 441 -12.27 14.74 -7.95
N SER A 442 -12.14 13.62 -7.25
CA SER A 442 -10.95 13.34 -6.46
C SER A 442 -9.75 13.20 -7.36
N LEU A 443 -9.96 12.55 -8.49
CA LEU A 443 -8.84 12.31 -9.39
C LEU A 443 -8.38 13.63 -9.93
N THR A 444 -9.33 14.48 -10.27
CA THR A 444 -8.98 15.75 -10.87
C THR A 444 -8.09 16.54 -9.91
N GLU A 445 -8.44 16.57 -8.63
CA GLU A 445 -7.56 17.15 -7.59
C GLU A 445 -6.20 16.51 -7.62
N TYR A 446 -6.13 15.19 -7.55
CA TYR A 446 -4.84 14.53 -7.44
C TYR A 446 -3.96 15.07 -8.55
N LEU A 447 -4.52 15.06 -9.75
CA LEU A 447 -3.81 15.36 -10.99
C LEU A 447 -3.24 16.81 -11.03
N GLN A 448 -3.91 17.74 -10.35
CA GLN A 448 -3.38 19.09 -10.15
C GLN A 448 -2.20 19.13 -9.18
N LYS A 449 -2.27 18.32 -8.14
CA LYS A 449 -1.25 18.29 -7.11
C LYS A 449 0.08 17.73 -7.62
N VAL A 450 0.16 17.32 -8.88
CA VAL A 450 1.40 16.66 -9.35
C VAL A 450 1.73 16.91 -10.82
N PRO A 451 2.98 16.63 -11.19
CA PRO A 451 3.37 16.88 -12.59
C PRO A 451 2.52 16.06 -13.56
N GLN A 452 2.33 16.62 -14.74
CA GLN A 452 1.54 15.97 -15.76
C GLN A 452 1.91 14.49 -15.98
N ILE A 453 0.89 13.63 -16.03
CA ILE A 453 1.08 12.24 -16.41
C ILE A 453 0.16 11.86 -17.58
N GLY A 454 0.58 10.83 -18.30
CA GLY A 454 -0.20 10.36 -19.42
C GLY A 454 -1.37 9.47 -19.00
N SER A 455 -2.37 9.40 -19.89
CA SER A 455 -3.52 8.53 -19.76
C SER A 455 -3.18 7.13 -19.22
N GLU A 456 -2.05 6.58 -19.60
CA GLU A 456 -1.69 5.24 -19.16
C GLU A 456 -1.51 5.22 -17.65
N LYS A 457 -0.61 6.05 -17.13
CA LYS A 457 -0.38 6.12 -15.70
C LYS A 457 -1.68 6.56 -14.97
N ARG A 458 -2.45 7.44 -15.62
CA ARG A 458 -3.72 7.95 -15.08
C ARG A 458 -4.63 6.74 -14.75
N ILE A 459 -4.78 5.84 -15.73
CA ILE A 459 -5.66 4.70 -15.57
C ILE A 459 -5.15 3.75 -14.48
N HIS A 460 -3.84 3.52 -14.47
CA HIS A 460 -3.23 2.57 -13.55
C HIS A 460 -3.40 3.05 -12.07
N ILE A 461 -3.34 4.35 -11.88
CA ILE A 461 -3.51 4.94 -10.56
C ILE A 461 -5.00 4.83 -10.15
N LEU A 462 -5.90 5.04 -11.10
CA LEU A 462 -7.31 4.91 -10.77
C LEU A 462 -7.57 3.44 -10.46
N PHE A 463 -6.99 2.59 -11.27
CA PHE A 463 -7.21 1.18 -11.12
C PHE A 463 -6.92 0.77 -9.67
N GLN A 464 -5.85 1.32 -9.15
CA GLN A 464 -5.34 0.97 -7.84
C GLN A 464 -6.23 1.50 -6.74
N ALA A 465 -6.74 2.73 -6.88
CA ALA A 465 -7.58 3.32 -5.87
C ALA A 465 -8.77 2.42 -5.75
N ALA A 466 -9.27 1.97 -6.90
CA ALA A 466 -10.48 1.17 -6.92
C ALA A 466 -10.24 -0.11 -6.13
N GLU A 467 -9.04 -0.67 -6.27
CA GLU A 467 -8.69 -1.86 -5.48
C GLU A 467 -8.96 -1.64 -3.99
N PHE A 468 -8.60 -0.47 -3.49
CA PHE A 468 -8.64 -0.25 -2.07
C PHE A 468 -10.02 0.09 -1.60
N LEU A 469 -10.88 0.40 -2.56
CA LEU A 469 -12.26 0.75 -2.28
C LEU A 469 -13.16 -0.49 -2.25
N TYR A 470 -12.63 -1.64 -2.68
CA TYR A 470 -13.43 -2.85 -2.71
C TYR A 470 -14.20 -3.16 -1.40
N PRO A 471 -13.61 -2.85 -0.23
CA PRO A 471 -14.32 -3.23 1.00
C PRO A 471 -15.54 -2.35 1.31
N TYR A 472 -15.63 -1.23 0.63
CA TYR A 472 -16.71 -0.27 0.85
C TYR A 472 -17.73 -0.23 -0.29
N PHE A 473 -17.29 -0.61 -1.51
CA PHE A 473 -18.14 -0.42 -2.68
C PHE A 473 -18.31 -1.70 -3.39
N GLY A 474 -17.77 -2.75 -2.80
CA GLY A 474 -17.87 -4.07 -3.37
C GLY A 474 -19.29 -4.52 -3.70
N SER A 475 -20.28 -4.11 -2.91
CA SER A 475 -21.67 -4.53 -3.22
C SER A 475 -22.24 -3.78 -4.43
N LEU A 476 -21.50 -2.85 -5.01
CA LEU A 476 -22.00 -2.14 -6.16
C LEU A 476 -21.49 -2.83 -7.41
N ILE A 477 -20.60 -3.81 -7.27
CA ILE A 477 -20.04 -4.47 -8.46
C ILE A 477 -21.12 -4.99 -9.41
N LYS A 478 -22.07 -5.77 -8.90
CA LYS A 478 -23.16 -6.29 -9.71
C LYS A 478 -23.94 -5.14 -10.39
N ASP A 479 -24.25 -4.07 -9.68
CA ASP A 479 -25.05 -3.01 -10.28
C ASP A 479 -24.26 -2.13 -11.26
N ILE A 480 -22.94 -2.06 -11.07
CA ILE A 480 -22.12 -1.35 -12.04
C ILE A 480 -22.17 -2.10 -13.37
N CYS A 481 -22.08 -3.43 -13.29
CA CYS A 481 -22.12 -4.27 -14.48
C CYS A 481 -23.44 -4.04 -15.23
N LYS A 482 -24.53 -4.01 -14.48
CA LYS A 482 -25.86 -3.87 -15.07
C LYS A 482 -26.02 -2.44 -15.62
N VAL A 483 -25.64 -1.43 -14.84
CA VAL A 483 -25.67 -0.07 -15.36
C VAL A 483 -24.85 0.02 -16.66
N LEU A 484 -23.71 -0.68 -16.76
CA LEU A 484 -22.89 -0.62 -17.98
C LEU A 484 -23.51 -1.29 -19.21
N THR A 485 -24.54 -2.10 -19.03
CA THR A 485 -25.11 -2.80 -20.18
C THR A 485 -26.48 -2.26 -20.58
N PHE A 486 -26.89 -1.19 -19.92
CA PHE A 486 -28.12 -0.48 -20.17
C PHE A 486 -28.09 0.26 -21.53
N GLU A 487 -29.14 0.05 -22.33
CA GLU A 487 -29.18 0.56 -23.72
C GLU A 487 -29.78 1.96 -23.80
N GLY A 488 -30.53 2.37 -22.78
CA GLY A 488 -31.29 3.60 -22.83
C GLY A 488 -30.47 4.83 -22.50
N GLU A 489 -31.13 5.98 -22.42
CA GLU A 489 -30.41 7.19 -22.13
C GLU A 489 -30.25 7.38 -20.62
N PHE A 490 -29.13 8.00 -20.19
CA PHE A 490 -28.92 8.13 -18.76
C PHE A 490 -29.49 9.42 -18.16
N THR A 491 -30.82 9.47 -18.02
CA THR A 491 -31.49 10.62 -17.42
C THR A 491 -32.81 10.11 -16.96
N HIS A 492 -33.54 11.01 -16.31
CA HIS A 492 -34.83 10.76 -15.72
C HIS A 492 -34.97 12.03 -14.94
N GLU A 493 -36.10 12.30 -14.29
CA GLU A 493 -36.12 13.44 -13.36
C GLU A 493 -35.09 13.29 -12.16
N SER A 494 -33.82 13.26 -12.62
CA SER A 494 -32.55 13.30 -11.88
C SER A 494 -32.21 12.11 -10.96
N LEU A 518 -23.81 13.30 -10.10
CA LEU A 518 -24.00 11.96 -10.78
C LEU A 518 -23.19 11.75 -12.07
N LEU A 519 -22.17 10.90 -12.02
CA LEU A 519 -21.43 10.55 -13.20
C LEU A 519 -21.91 9.21 -13.74
N LEU A 520 -22.39 9.21 -14.98
CA LEU A 520 -22.92 7.99 -15.56
C LEU A 520 -22.18 7.66 -16.86
N PRO A 521 -22.35 6.44 -17.40
CA PRO A 521 -21.45 6.11 -18.49
C PRO A 521 -21.93 6.73 -19.83
N THR A 522 -21.91 8.05 -19.87
CA THR A 522 -22.59 8.81 -20.92
C THR A 522 -21.67 9.27 -22.04
N ASP A 523 -20.38 9.16 -21.88
CA ASP A 523 -19.46 9.57 -22.92
C ASP A 523 -18.34 8.57 -22.83
N SER A 524 -17.29 8.79 -23.61
CA SER A 524 -16.25 7.78 -23.71
C SER A 524 -15.29 7.83 -22.52
N ASN A 525 -15.02 9.03 -21.98
CA ASN A 525 -14.17 9.14 -20.81
C ASN A 525 -14.83 8.51 -19.58
N ASN A 526 -16.16 8.60 -19.51
CA ASN A 526 -16.92 8.11 -18.35
C ASN A 526 -17.06 6.59 -18.37
N ILE A 527 -17.20 6.03 -19.56
CA ILE A 527 -17.17 4.59 -19.71
C ILE A 527 -15.81 4.02 -19.27
N ILE A 528 -14.70 4.64 -19.68
CA ILE A 528 -13.38 4.14 -19.30
C ILE A 528 -13.20 4.22 -17.77
N LEU A 529 -13.72 5.29 -17.18
CA LEU A 529 -13.66 5.44 -15.73
C LEU A 529 -14.43 4.27 -15.11
N TYR A 530 -15.59 3.95 -15.69
CA TYR A 530 -16.46 2.90 -15.13
C TYR A 530 -15.78 1.51 -15.19
N VAL A 531 -15.26 1.12 -16.37
CA VAL A 531 -14.69 -0.20 -16.51
C VAL A 531 -13.35 -0.37 -15.79
N THR A 532 -12.52 0.68 -15.78
CA THR A 532 -11.31 0.64 -14.96
C THR A 532 -11.69 0.42 -13.48
N THR A 533 -12.70 1.15 -13.00
CA THR A 533 -13.12 1.09 -11.62
C THR A 533 -13.76 -0.28 -11.32
N LEU A 534 -14.63 -0.79 -12.19
CA LEU A 534 -15.12 -2.19 -12.10
C LEU A 534 -13.94 -3.18 -11.99
N HIS A 535 -12.95 -3.03 -12.86
CA HIS A 535 -11.83 -3.96 -12.93
C HIS A 535 -10.99 -3.89 -11.65
N GLY A 536 -10.82 -2.68 -11.12
CA GLY A 536 -10.00 -2.46 -9.95
C GLY A 536 -10.72 -2.97 -8.73
N LEU A 537 -12.02 -2.70 -8.63
CA LEU A 537 -12.84 -3.21 -7.56
C LEU A 537 -12.78 -4.71 -7.50
N ALA A 538 -12.93 -5.33 -8.66
CA ALA A 538 -13.00 -6.78 -8.76
C ALA A 538 -11.63 -7.39 -8.41
N TYR A 539 -10.58 -6.76 -8.94
CA TYR A 539 -9.24 -7.25 -8.71
C TYR A 539 -8.92 -7.15 -7.23
N GLY A 540 -9.23 -6.01 -6.63
CA GLY A 540 -9.07 -5.81 -5.20
C GLY A 540 -9.85 -6.81 -4.34
N GLY A 541 -11.07 -7.11 -4.75
CA GLY A 541 -11.83 -8.17 -4.14
C GLY A 541 -11.25 -9.57 -4.21
N THR A 542 -10.49 -9.94 -5.27
CA THR A 542 -9.80 -11.27 -5.33
C THR A 542 -8.37 -11.30 -4.71
N HIS A 543 -7.86 -10.18 -4.26
CA HIS A 543 -6.57 -10.20 -3.63
C HIS A 543 -6.69 -9.75 -2.17
N MET A 544 -7.91 -9.39 -1.77
CA MET A 544 -8.16 -9.01 -0.37
C MET A 544 -7.90 -10.26 0.50
N ARG A 545 -7.16 -10.10 1.60
CA ARG A 545 -6.91 -11.27 2.43
C ARG A 545 -8.11 -11.49 3.34
N GLY A 546 -8.33 -12.74 3.71
CA GLY A 546 -9.37 -13.08 4.65
C GLY A 546 -10.76 -13.20 4.05
N GLN A 547 -10.87 -13.07 2.73
CA GLN A 547 -12.20 -13.15 2.16
C GLN A 547 -12.53 -14.57 1.76
N PRO A 548 -13.80 -14.96 1.95
CA PRO A 548 -14.25 -16.26 1.40
C PRO A 548 -14.12 -16.33 -0.13
N LYS A 549 -13.87 -17.52 -0.65
CA LYS A 549 -13.75 -17.79 -2.09
C LYS A 549 -15.04 -17.51 -2.90
N PHE A 550 -14.84 -17.19 -4.18
CA PHE A 550 -15.94 -17.07 -5.15
C PHE A 550 -16.82 -15.80 -5.06
N LYS A 551 -16.55 -14.91 -4.12
CA LYS A 551 -17.47 -13.81 -3.89
C LYS A 551 -17.53 -12.80 -5.06
N VAL A 552 -16.36 -12.33 -5.50
CA VAL A 552 -16.28 -11.41 -6.63
C VAL A 552 -16.90 -12.08 -7.86
N ALA A 553 -16.59 -13.35 -8.08
CA ALA A 553 -17.19 -14.10 -9.19
C ALA A 553 -18.72 -14.19 -9.10
N GLU A 554 -19.27 -14.39 -7.91
CA GLU A 554 -20.71 -14.44 -7.79
C GLU A 554 -21.31 -13.16 -8.32
N ALA A 555 -20.54 -12.07 -8.30
CA ALA A 555 -21.09 -10.74 -8.68
C ALA A 555 -20.86 -10.40 -10.14
N VAL A 556 -19.76 -10.84 -10.74
CA VAL A 556 -19.45 -10.41 -12.10
C VAL A 556 -19.73 -11.48 -13.18
N LEU A 557 -19.45 -12.75 -12.93
CA LEU A 557 -19.69 -13.78 -13.95
C LEU A 557 -21.11 -13.82 -14.49
N PRO A 558 -22.14 -13.56 -13.68
CA PRO A 558 -23.47 -13.53 -14.36
C PRO A 558 -23.59 -12.43 -15.45
N HIS A 559 -22.75 -11.39 -15.42
CA HIS A 559 -22.91 -10.31 -16.36
C HIS A 559 -21.83 -10.25 -17.39
N LEU A 560 -20.87 -11.16 -17.27
CA LEU A 560 -19.65 -11.03 -18.04
C LEU A 560 -19.95 -11.18 -19.55
N ASP A 561 -20.80 -12.14 -19.92
CA ASP A 561 -21.17 -12.33 -21.31
C ASP A 561 -21.81 -11.02 -21.84
N GLN A 562 -22.79 -10.49 -21.13
CA GLN A 562 -23.43 -9.26 -21.54
C GLN A 562 -22.45 -8.09 -21.72
N LEU A 563 -21.52 -7.94 -20.78
CA LEU A 563 -20.50 -6.89 -20.85
C LEU A 563 -19.63 -7.00 -22.07
N ILE A 564 -19.18 -8.22 -22.39
CA ILE A 564 -18.35 -8.41 -23.58
C ILE A 564 -19.19 -8.20 -24.83
N LYS A 565 -20.46 -8.56 -24.72
CA LYS A 565 -21.39 -8.41 -25.82
C LYS A 565 -21.76 -6.95 -26.04
N ARG A 566 -21.64 -6.09 -25.03
CA ARG A 566 -22.12 -4.70 -25.17
C ARG A 566 -21.12 -3.51 -25.01
N LEU A 567 -20.09 -3.64 -24.20
CA LEU A 567 -19.13 -2.55 -24.04
C LEU A 567 -18.51 -2.21 -25.39
N PRO A 568 -18.03 -0.97 -25.56
CA PRO A 568 -17.31 -0.50 -26.76
C PRO A 568 -15.89 -1.02 -26.80
N ILE A 569 -15.73 -2.33 -26.96
CA ILE A 569 -14.39 -2.95 -26.95
C ILE A 569 -13.48 -2.73 -28.21
N GLU A 570 -13.90 -1.89 -29.16
CA GLU A 570 -13.02 -1.36 -30.20
C GLU A 570 -12.02 -0.46 -29.52
N SER A 571 -12.46 0.21 -28.45
CA SER A 571 -11.54 0.98 -27.61
C SER A 571 -10.64 0.05 -26.77
N SER A 572 -9.34 0.17 -26.97
CA SER A 572 -8.40 -0.71 -26.32
C SER A 572 -8.39 -0.57 -24.80
N ASN A 573 -8.74 0.62 -24.30
CA ASN A 573 -8.85 0.85 -22.86
C ASN A 573 -10.02 0.05 -22.28
N VAL A 574 -11.14 0.04 -23.01
CA VAL A 574 -12.28 -0.74 -22.63
C VAL A 574 -12.02 -2.25 -22.81
N LEU A 575 -11.32 -2.62 -23.89
CA LEU A 575 -10.94 -4.01 -24.10
C LEU A 575 -10.04 -4.48 -22.96
N ALA A 576 -9.05 -3.67 -22.63
CA ALA A 576 -8.12 -4.06 -21.57
C ALA A 576 -8.84 -4.31 -20.23
N SER A 577 -9.77 -3.43 -19.84
CA SER A 577 -10.43 -3.56 -18.56
C SER A 577 -11.33 -4.80 -18.56
N ILE A 578 -12.08 -5.05 -19.62
CA ILE A 578 -13.02 -6.16 -19.56
C ILE A 578 -12.32 -7.56 -19.66
N LEU A 579 -11.29 -7.66 -20.49
CA LEU A 579 -10.51 -8.89 -20.60
C LEU A 579 -9.80 -9.14 -19.28
N GLY A 580 -9.50 -8.02 -18.61
CA GLY A 580 -8.82 -8.09 -17.33
C GLY A 580 -9.76 -8.64 -16.28
N VAL A 581 -11.03 -8.23 -16.34
CA VAL A 581 -12.03 -8.85 -15.52
C VAL A 581 -12.07 -10.36 -15.86
N PHE A 582 -12.21 -10.72 -17.15
CA PHE A 582 -12.21 -12.13 -17.55
C PHE A 582 -11.06 -12.91 -16.90
N ASN A 583 -9.86 -12.34 -16.99
CA ASN A 583 -8.62 -13.00 -16.50
C ASN A 583 -8.44 -13.07 -14.94
N LEU A 584 -9.38 -12.51 -14.19
CA LEU A 584 -9.36 -12.53 -12.71
C LEU A 584 -9.67 -13.89 -12.19
N PHE A 585 -10.37 -14.69 -12.98
CA PHE A 585 -11.02 -15.93 -12.51
C PHE A 585 -10.36 -17.26 -12.93
N ALA A 586 -10.22 -18.16 -11.93
CA ALA A 586 -9.73 -19.54 -12.16
C ALA A 586 -10.90 -20.50 -12.35
N PHE A 587 -10.64 -21.72 -12.84
CA PHE A 587 -11.79 -22.57 -13.17
C PHE A 587 -12.69 -22.74 -11.99
N GLU A 588 -12.10 -22.94 -10.82
CA GLU A 588 -12.89 -23.20 -9.62
C GLU A 588 -13.92 -22.09 -9.43
N ASP A 589 -13.52 -20.86 -9.78
CA ASP A 589 -14.44 -19.72 -9.77
C ASP A 589 -15.62 -19.93 -10.71
N TRP A 590 -15.36 -20.35 -11.93
CA TRP A 590 -16.46 -20.55 -12.89
C TRP A 590 -17.41 -21.71 -12.48
N ILE A 591 -16.88 -22.88 -12.08
CA ILE A 591 -17.79 -23.97 -11.73
C ILE A 591 -18.59 -23.63 -10.48
N HIS A 592 -17.94 -23.06 -9.48
CA HIS A 592 -18.65 -22.70 -8.27
C HIS A 592 -19.88 -21.84 -8.50
N THR A 593 -19.78 -20.89 -9.44
CA THR A 593 -20.85 -19.88 -9.62
C THR A 593 -21.95 -20.40 -10.52
N GLY A 594 -21.67 -21.52 -11.18
CA GLY A 594 -22.65 -22.13 -12.05
C GLY A 594 -22.52 -21.64 -13.47
N TYR A 595 -21.39 -20.97 -13.77
CA TYR A 595 -21.21 -20.32 -15.09
C TYR A 595 -20.11 -20.93 -15.96
N GLU A 596 -19.59 -22.08 -15.55
CA GLU A 596 -18.65 -22.83 -16.40
C GLU A 596 -19.26 -23.01 -17.80
N LYS A 597 -20.58 -22.95 -17.89
CA LYS A 597 -21.24 -23.21 -19.16
C LYS A 597 -21.08 -22.07 -20.13
N ASP A 598 -20.84 -20.86 -19.61
CA ASP A 598 -20.78 -19.63 -20.40
C ASP A 598 -19.41 -19.39 -20.99
N ILE A 599 -18.38 -20.06 -20.44
CA ILE A 599 -16.99 -19.78 -20.80
C ILE A 599 -16.78 -19.87 -22.31
N ARG A 600 -17.35 -20.86 -22.97
CA ARG A 600 -17.07 -21.02 -24.39
C ARG A 600 -17.75 -19.89 -25.19
N LYS A 601 -19.00 -19.56 -24.87
CA LYS A 601 -19.66 -18.53 -25.66
C LYS A 601 -18.93 -17.19 -25.47
N ILE A 602 -18.36 -16.99 -24.27
CA ILE A 602 -17.63 -15.75 -24.00
C ILE A 602 -16.35 -15.74 -24.84
N LEU A 603 -15.62 -16.84 -24.78
CA LEU A 603 -14.39 -16.97 -25.51
C LEU A 603 -14.68 -16.81 -26.99
N GLU A 604 -15.84 -17.23 -27.44
CA GLU A 604 -16.09 -17.10 -28.87
C GLU A 604 -16.14 -15.62 -29.17
N LYS A 605 -16.70 -14.83 -28.25
CA LYS A 605 -16.80 -13.38 -28.50
C LYS A 605 -15.41 -12.74 -28.48
N ILE A 606 -14.56 -13.30 -27.63
CA ILE A 606 -13.22 -12.82 -27.45
C ILE A 606 -12.43 -13.10 -28.72
N ILE A 607 -12.62 -14.29 -29.28
CA ILE A 607 -11.96 -14.68 -30.53
C ILE A 607 -12.45 -13.89 -31.75
N LYS A 608 -13.73 -13.53 -31.77
CA LYS A 608 -14.27 -12.70 -32.84
C LYS A 608 -13.72 -11.24 -32.74
N ALA A 609 -13.58 -10.72 -31.52
CA ALA A 609 -13.02 -9.39 -31.36
C ALA A 609 -11.51 -9.42 -31.74
N PHE A 610 -10.87 -10.53 -31.40
CA PHE A 610 -9.49 -10.75 -31.76
C PHE A 610 -9.41 -10.72 -33.27
N ASN A 611 -10.37 -11.36 -33.90
CA ASN A 611 -10.35 -11.50 -35.35
C ASN A 611 -10.62 -10.20 -36.04
N GLU A 612 -11.48 -9.37 -35.47
CA GLU A 612 -11.83 -8.13 -36.13
C GLU A 612 -10.73 -7.05 -35.99
N SER A 613 -9.79 -7.23 -35.09
CA SER A 613 -8.83 -6.14 -34.90
C SER A 613 -7.61 -6.22 -35.81
N THR A 614 -6.87 -5.13 -35.83
CA THR A 614 -5.57 -5.17 -36.47
C THR A 614 -4.54 -5.03 -35.37
N LEU A 615 -3.56 -5.92 -35.33
CA LEU A 615 -2.56 -5.84 -34.27
C LEU A 615 -1.25 -5.39 -34.83
N THR A 616 -0.58 -4.56 -34.05
CA THR A 616 0.78 -4.11 -34.35
C THR A 616 1.82 -5.10 -33.78
N SER A 617 3.12 -4.85 -33.94
CA SER A 617 4.10 -5.90 -33.63
C SER A 617 4.22 -6.22 -32.13
N GLY A 618 3.55 -5.44 -31.27
CA GLY A 618 3.42 -5.80 -29.87
C GLY A 618 3.85 -4.71 -28.92
N ALA A 619 4.68 -3.80 -29.46
CA ALA A 619 5.31 -2.75 -28.67
C ALA A 619 4.32 -1.66 -28.30
N GLN A 620 4.13 -1.47 -26.98
CA GLN A 620 3.22 -0.43 -26.46
C GLN A 620 1.78 -0.52 -27.00
N ASP A 621 1.41 -1.68 -27.53
CA ASP A 621 0.06 -1.89 -28.00
C ASP A 621 -0.77 -2.46 -26.84
N LEU A 622 -1.65 -1.63 -26.25
CA LEU A 622 -2.57 -2.09 -25.21
C LEU A 622 -3.41 -3.30 -25.65
N LYS A 623 -3.95 -3.30 -26.88
CA LYS A 623 -4.68 -4.48 -27.39
C LYS A 623 -3.84 -5.77 -27.47
N TYR A 624 -2.67 -5.70 -28.08
CA TYR A 624 -1.83 -6.86 -28.18
C TYR A 624 -1.62 -7.41 -26.76
N LYS A 625 -1.33 -6.52 -25.83
CA LYS A 625 -1.05 -6.96 -24.47
C LYS A 625 -2.29 -7.59 -23.78
N SER A 626 -3.47 -7.01 -24.00
CA SER A 626 -4.64 -7.53 -23.34
C SER A 626 -4.93 -8.91 -23.92
N PHE A 627 -4.84 -9.03 -25.26
CA PHE A 627 -5.20 -10.27 -25.94
C PHE A 627 -4.22 -11.35 -25.51
N SER A 628 -2.94 -11.00 -25.52
CA SER A 628 -1.90 -11.92 -25.13
C SER A 628 -2.19 -12.49 -23.75
N GLU A 629 -2.48 -11.63 -22.78
CA GLU A 629 -2.78 -12.09 -21.43
C GLU A 629 -4.04 -12.95 -21.41
N THR A 630 -4.98 -12.68 -22.30
CA THR A 630 -6.18 -13.46 -22.29
C THR A 630 -5.89 -14.88 -22.80
N VAL A 631 -5.11 -14.94 -23.89
CA VAL A 631 -4.75 -16.22 -24.48
C VAL A 631 -4.02 -17.10 -23.45
N SER A 632 -3.04 -16.52 -22.75
CA SER A 632 -2.35 -17.24 -21.68
C SER A 632 -3.29 -17.79 -20.64
N GLN A 633 -4.24 -16.94 -20.24
CA GLN A 633 -5.17 -17.23 -19.17
C GLN A 633 -6.05 -18.43 -19.54
N VAL A 634 -6.56 -18.39 -20.76
CA VAL A 634 -7.37 -19.50 -21.24
C VAL A 634 -6.56 -20.82 -21.19
N ARG A 635 -5.37 -20.82 -21.77
CA ARG A 635 -4.46 -21.98 -21.68
C ARG A 635 -4.42 -22.44 -20.21
N LYS A 636 -4.10 -21.51 -19.32
CA LYS A 636 -3.98 -21.82 -17.92
C LYS A 636 -5.23 -22.46 -17.29
N LEU A 637 -6.43 -22.23 -17.85
CA LEU A 637 -7.65 -22.87 -17.29
C LEU A 637 -7.69 -24.37 -17.55
N GLY A 638 -7.05 -24.78 -18.65
CA GLY A 638 -6.82 -26.19 -18.88
C GLY A 638 -8.04 -26.98 -19.30
N PHE A 639 -8.71 -26.49 -20.34
CA PHE A 639 -9.86 -27.15 -20.89
C PHE A 639 -9.73 -27.36 -22.39
N ASN A 640 -9.56 -28.62 -22.79
CA ASN A 640 -9.34 -28.96 -24.19
C ASN A 640 -10.33 -28.27 -25.13
N GLU A 641 -11.58 -28.21 -24.71
CA GLU A 641 -12.61 -27.58 -25.53
C GLU A 641 -12.26 -26.14 -25.82
N LEU A 642 -11.65 -25.43 -24.88
CA LEU A 642 -11.26 -24.04 -25.08
C LEU A 642 -10.01 -23.90 -25.94
N ASP A 643 -8.98 -24.68 -25.58
CA ASP A 643 -7.77 -24.81 -26.37
C ASP A 643 -8.12 -24.98 -27.85
N GLU A 644 -9.14 -25.79 -28.14
CA GLU A 644 -9.46 -26.07 -29.52
C GLU A 644 -10.00 -24.83 -30.20
N LEU A 645 -10.72 -24.00 -29.47
CA LEU A 645 -11.15 -22.75 -30.08
C LEU A 645 -9.93 -21.95 -30.61
N TRP A 646 -8.80 -21.98 -29.88
CA TRP A 646 -7.66 -21.19 -30.29
C TRP A 646 -6.83 -21.98 -31.34
N LEU A 647 -6.69 -23.29 -31.12
CA LEU A 647 -6.02 -24.14 -32.09
C LEU A 647 -6.71 -24.06 -33.44
N ASN A 648 -8.04 -23.99 -33.47
CA ASN A 648 -8.72 -23.85 -34.77
C ASN A 648 -8.50 -22.49 -35.36
N HIS A 649 -8.29 -21.49 -34.49
CA HIS A 649 -8.13 -20.12 -34.98
C HIS A 649 -6.78 -19.96 -35.66
N ILE A 650 -5.74 -20.54 -35.03
CA ILE A 650 -4.40 -20.55 -35.59
C ILE A 650 -4.45 -21.22 -36.95
N SER A 651 -5.21 -22.32 -36.99
CA SER A 651 -5.35 -23.12 -38.18
C SER A 651 -6.06 -22.36 -39.33
N GLN A 652 -7.14 -21.68 -39.01
CA GLN A 652 -7.75 -20.84 -40.02
C GLN A 652 -6.78 -19.74 -40.46
N LEU A 653 -6.14 -19.08 -39.50
CA LEU A 653 -5.20 -18.05 -39.87
C LEU A 653 -4.14 -18.59 -40.85
N LYS A 654 -3.58 -19.75 -40.55
CA LYS A 654 -2.59 -20.34 -41.46
C LYS A 654 -3.21 -20.47 -42.84
N ILE A 655 -4.33 -21.17 -42.92
CA ILE A 655 -5.01 -21.35 -44.21
C ILE A 655 -5.16 -20.05 -45.00
N HIS A 656 -5.69 -19.02 -44.36
CA HIS A 656 -5.90 -17.74 -45.03
C HIS A 656 -4.61 -17.00 -45.39
N LEU A 657 -3.53 -17.24 -44.66
CA LEU A 657 -2.26 -16.62 -44.96
C LEU A 657 -1.70 -17.20 -46.27
N GLY A 658 -1.71 -18.52 -46.40
CA GLY A 658 -1.31 -19.20 -47.62
C GLY A 658 -2.09 -18.67 -48.81
N LYS A 659 -3.37 -18.40 -48.60
CA LYS A 659 -4.19 -17.82 -49.65
C LYS A 659 -3.53 -16.49 -50.03
N PHE A 660 -3.49 -15.57 -49.07
CA PHE A 660 -2.94 -14.22 -49.28
C PHE A 660 -1.58 -14.29 -49.97
N LEU A 661 -0.79 -15.28 -49.59
CA LEU A 661 0.56 -15.44 -50.12
C LEU A 661 0.55 -15.76 -51.61
N GLU A 662 -0.25 -16.75 -52.00
CA GLU A 662 -0.25 -17.15 -53.41
C GLU A 662 -1.02 -16.18 -54.28
N GLU A 663 -2.00 -15.52 -53.71
CA GLU A 663 -2.84 -14.59 -54.46
C GLU A 663 -2.22 -13.18 -54.56
N LYS A 664 -1.70 -12.66 -53.45
CA LYS A 664 -1.26 -11.27 -53.38
C LYS A 664 0.24 -11.05 -53.60
N LEU A 665 1.04 -12.11 -53.58
CA LEU A 665 2.48 -11.98 -53.79
C LEU A 665 2.92 -12.79 -55.00
N HIS A 666 1.97 -13.01 -55.91
CA HIS A 666 2.23 -13.74 -57.16
C HIS A 666 3.50 -13.32 -57.90
N ASN A 674 1.86 -2.79 -52.44
CA ASN A 674 2.94 -3.18 -51.52
C ASN A 674 2.80 -2.65 -50.08
N ASP A 675 2.50 -1.38 -49.89
CA ASP A 675 2.20 -0.90 -48.56
C ASP A 675 0.94 -1.58 -48.07
N GLU A 676 -0.02 -1.78 -48.96
CA GLU A 676 -1.26 -2.45 -48.61
C GLU A 676 -0.93 -3.90 -48.27
N ASN A 677 -0.09 -4.49 -49.11
CA ASN A 677 0.30 -5.87 -48.94
C ASN A 677 0.96 -6.18 -47.57
N MET A 678 1.87 -5.31 -47.13
CA MET A 678 2.59 -5.56 -45.89
C MET A 678 1.71 -5.23 -44.68
N ASN A 679 0.97 -4.12 -44.77
CA ASN A 679 -0.11 -3.80 -43.84
C ASN A 679 -1.04 -4.98 -43.57
N THR A 680 -1.51 -5.62 -44.62
CA THR A 680 -2.39 -6.76 -44.43
C THR A 680 -1.62 -7.96 -43.89
N LEU A 681 -0.47 -8.22 -44.49
CA LEU A 681 0.35 -9.35 -44.10
C LEU A 681 0.54 -9.32 -42.60
N TYR A 682 1.01 -8.19 -42.08
CA TYR A 682 1.40 -8.09 -40.66
C TYR A 682 0.24 -7.80 -39.75
N GLY A 683 -0.63 -6.89 -40.20
CA GLY A 683 -1.80 -6.45 -39.45
C GLY A 683 -2.85 -7.51 -39.22
N VAL A 684 -3.13 -8.33 -40.23
CA VAL A 684 -4.12 -9.39 -40.09
C VAL A 684 -3.55 -10.81 -39.96
N PHE A 685 -2.31 -11.08 -40.35
CA PHE A 685 -1.79 -12.48 -40.22
C PHE A 685 -0.61 -12.71 -39.24
N LEU A 686 0.46 -11.96 -39.44
CA LEU A 686 1.72 -12.35 -38.84
C LEU A 686 1.84 -11.91 -37.37
N ASN A 687 1.29 -10.75 -37.03
CA ASN A 687 1.44 -10.29 -35.66
C ASN A 687 0.56 -11.11 -34.73
N LYS A 688 -0.56 -11.59 -35.27
CA LYS A 688 -1.53 -12.40 -34.54
C LYS A 688 -1.07 -13.86 -34.40
N LEU A 689 -0.36 -14.39 -35.38
CA LEU A 689 0.14 -15.73 -35.17
C LEU A 689 1.24 -15.64 -34.11
N ALA A 690 1.99 -14.52 -34.07
CA ALA A 690 3.10 -14.41 -33.14
C ALA A 690 2.58 -14.26 -31.71
N LEU A 691 1.54 -13.44 -31.56
CA LEU A 691 0.82 -13.36 -30.29
C LEU A 691 0.33 -14.75 -29.80
N LEU A 692 -0.43 -15.46 -30.64
CA LEU A 692 -0.95 -16.77 -30.25
C LEU A 692 0.21 -17.71 -30.05
N GLY A 693 1.22 -17.54 -30.87
CA GLY A 693 2.40 -18.38 -30.80
C GLY A 693 3.12 -18.38 -29.46
N LYS A 694 2.95 -17.32 -28.67
CA LYS A 694 3.59 -17.32 -27.35
C LYS A 694 3.01 -18.44 -26.46
N VAL A 695 1.78 -18.85 -26.74
CA VAL A 695 1.09 -19.75 -25.83
C VAL A 695 0.83 -21.11 -26.44
N TYR A 696 0.40 -21.12 -27.70
CA TYR A 696 0.13 -22.38 -28.41
C TYR A 696 1.14 -22.63 -29.50
N PRO A 697 1.50 -23.90 -29.72
CA PRO A 697 2.38 -24.26 -30.83
C PRO A 697 1.91 -23.64 -32.13
N ILE A 698 2.85 -23.06 -32.87
CA ILE A 698 2.63 -22.70 -34.28
C ILE A 698 3.66 -23.47 -35.11
N GLU A 699 3.17 -24.17 -36.14
CA GLU A 699 4.03 -24.86 -37.10
C GLU A 699 3.50 -24.59 -38.48
N PHE A 700 4.40 -24.20 -39.37
CA PHE A 700 4.08 -24.17 -40.79
C PHE A 700 4.42 -25.53 -41.40
N GLN A 701 3.45 -26.11 -42.12
CA GLN A 701 3.68 -27.36 -42.84
C GLN A 701 4.50 -27.04 -44.10
N GLU A 702 5.31 -28.03 -44.55
CA GLU A 702 6.22 -27.83 -45.66
C GLU A 702 5.63 -26.95 -46.71
N ASN A 703 4.39 -27.20 -47.07
CA ASN A 703 3.77 -26.39 -48.11
C ASN A 703 3.74 -24.89 -47.84
N LEU A 704 3.08 -24.49 -46.73
CA LEU A 704 2.91 -23.07 -46.40
C LEU A 704 4.27 -22.39 -46.12
N LEU A 705 5.13 -23.07 -45.35
CA LEU A 705 6.46 -22.57 -44.99
C LEU A 705 7.26 -22.14 -46.21
N SER A 706 7.12 -22.94 -47.26
CA SER A 706 7.83 -22.74 -48.49
C SER A 706 7.23 -21.53 -49.16
N LEU A 707 5.90 -21.52 -49.21
CA LEU A 707 5.20 -20.38 -49.77
C LEU A 707 5.71 -19.08 -49.09
N PHE A 708 5.83 -19.11 -47.78
CA PHE A 708 6.14 -17.92 -46.97
C PHE A 708 7.61 -17.54 -47.13
N LEU A 709 8.46 -18.56 -47.12
CA LEU A 709 9.88 -18.32 -47.23
C LEU A 709 10.23 -17.83 -48.63
N ASN A 710 9.73 -18.50 -49.68
CA ASN A 710 10.05 -18.12 -51.06
C ASN A 710 9.35 -16.85 -51.55
N ARG A 711 8.11 -16.61 -51.20
CA ARG A 711 7.44 -15.47 -51.81
C ARG A 711 7.52 -14.22 -50.96
N PHE A 712 7.77 -14.40 -49.66
CA PHE A 712 7.92 -13.25 -48.75
C PHE A 712 9.33 -13.11 -48.16
N VAL A 713 9.69 -13.96 -47.23
CA VAL A 713 10.94 -13.77 -46.46
C VAL A 713 12.15 -13.52 -47.37
N GLN A 714 12.34 -14.36 -48.38
CA GLN A 714 13.49 -14.21 -49.28
C GLN A 714 13.39 -13.04 -50.24
N ARG A 715 12.22 -12.43 -50.33
CA ARG A 715 12.03 -11.30 -51.24
C ARG A 715 11.90 -10.02 -50.47
N LEU A 716 12.33 -10.03 -49.20
CA LEU A 716 12.12 -8.87 -48.33
C LEU A 716 12.88 -7.60 -48.79
N PRO A 717 14.10 -7.76 -49.29
CA PRO A 717 14.83 -6.59 -49.80
C PRO A 717 14.13 -5.90 -50.96
N GLN A 718 13.67 -6.63 -51.97
CA GLN A 718 12.89 -6.02 -53.07
C GLN A 718 11.59 -5.40 -52.58
N ILE A 719 10.89 -6.13 -51.69
CA ILE A 719 9.58 -5.67 -51.22
C ILE A 719 9.78 -4.36 -50.48
N GLY A 720 10.81 -4.32 -49.63
CA GLY A 720 11.06 -3.15 -48.77
C GLY A 720 11.39 -1.84 -49.49
N VAL A 721 12.17 -1.89 -50.57
CA VAL A 721 12.49 -0.65 -51.28
C VAL A 721 11.23 0.08 -51.75
N HIS A 722 10.11 -0.63 -51.90
CA HIS A 722 8.90 -0.02 -52.45
C HIS A 722 7.83 0.31 -51.41
N CYS A 723 8.20 0.25 -50.14
CA CYS A 723 7.20 0.55 -49.13
C CYS A 723 7.53 1.90 -48.60
N GLN A 724 6.58 2.52 -47.91
CA GLN A 724 6.81 3.74 -47.19
C GLN A 724 7.56 3.44 -45.90
N LEU A 725 8.12 4.49 -45.30
CA LEU A 725 8.84 4.40 -44.05
C LEU A 725 8.01 3.76 -42.94
N GLU A 726 6.80 4.27 -42.76
CA GLU A 726 5.92 3.82 -41.70
C GLU A 726 5.64 2.34 -41.89
N THR A 727 5.64 1.89 -43.13
CA THR A 727 5.42 0.48 -43.44
C THR A 727 6.68 -0.32 -43.26
N ILE A 728 7.84 0.29 -43.53
CA ILE A 728 9.12 -0.42 -43.30
C ILE A 728 9.36 -0.61 -41.81
N GLN A 729 8.96 0.37 -41.03
CA GLN A 729 9.06 0.31 -39.58
C GLN A 729 8.33 -0.88 -38.97
N GLU A 730 7.25 -1.34 -39.61
CA GLU A 730 6.51 -2.48 -39.08
C GLU A 730 6.88 -3.80 -39.71
N ILE A 731 7.99 -3.83 -40.47
CA ILE A 731 8.49 -5.09 -41.05
C ILE A 731 9.49 -5.77 -40.08
N HIS A 732 9.29 -7.07 -39.80
CA HIS A 732 10.15 -7.85 -38.88
C HIS A 732 9.93 -9.30 -39.12
N LEU A 733 10.82 -10.14 -38.57
CA LEU A 733 10.74 -11.58 -38.81
C LEU A 733 10.66 -12.29 -37.48
N LYS A 734 9.96 -11.67 -36.55
CA LYS A 734 9.72 -12.24 -35.22
C LYS A 734 9.03 -13.59 -35.31
N LEU A 735 8.10 -13.76 -36.26
CA LEU A 735 7.41 -15.05 -36.39
C LEU A 735 8.39 -16.18 -36.70
N LEU A 736 9.42 -15.89 -37.50
CA LEU A 736 10.41 -16.92 -37.85
C LEU A 736 11.16 -17.42 -36.64
N ALA A 737 11.44 -16.54 -35.67
CA ALA A 737 12.10 -16.94 -34.41
C ALA A 737 11.18 -17.80 -33.55
N LEU A 738 9.89 -17.45 -33.56
CA LEU A 738 8.89 -18.24 -32.87
C LEU A 738 8.72 -19.68 -33.48
N LEU A 739 8.45 -19.79 -34.78
CA LEU A 739 8.40 -21.11 -35.47
C LEU A 739 9.58 -21.95 -35.04
N THR A 740 10.77 -21.34 -35.05
CA THR A 740 11.97 -22.04 -34.64
C THR A 740 11.83 -22.54 -33.21
N THR A 741 11.60 -21.63 -32.27
CA THR A 741 11.44 -22.01 -30.87
C THR A 741 10.54 -23.23 -30.64
N TRP A 742 9.47 -23.36 -31.40
CA TRP A 742 8.60 -24.50 -31.24
C TRP A 742 9.28 -25.81 -31.66
N GLN A 743 9.99 -25.79 -32.79
CA GLN A 743 10.80 -26.92 -33.21
C GLN A 743 11.86 -27.27 -32.15
N LEU A 744 12.66 -26.30 -31.71
CA LEU A 744 13.65 -26.55 -30.65
C LEU A 744 13.04 -27.23 -29.45
N GLN A 745 11.77 -26.94 -29.22
CA GLN A 745 11.06 -27.52 -28.10
C GLN A 745 10.86 -29.02 -28.33
N LYS A 746 10.42 -29.42 -29.52
CA LYS A 746 10.39 -30.82 -29.92
C LYS A 746 11.72 -31.57 -29.63
N TRP A 747 12.82 -31.03 -30.18
CA TRP A 747 14.16 -31.60 -30.01
C TRP A 747 14.62 -31.78 -28.57
N VAL A 748 14.34 -30.79 -27.74
CA VAL A 748 14.70 -30.87 -26.33
C VAL A 748 13.70 -31.77 -25.59
N ASP A 749 12.45 -31.84 -26.07
CA ASP A 749 11.42 -32.76 -25.51
C ASP A 749 11.65 -34.17 -25.98
N ILE A 750 12.92 -34.52 -26.05
CA ILE A 750 13.29 -35.84 -26.43
C ILE A 750 14.50 -36.15 -25.54
N LEU A 751 15.63 -35.52 -25.85
CA LEU A 751 16.87 -35.72 -25.08
C LEU A 751 16.72 -35.57 -23.54
N PRO A 762 18.57 -40.02 -31.69
CA PRO A 762 17.46 -40.34 -32.61
C PRO A 762 16.80 -39.09 -33.24
N VAL A 763 17.44 -38.51 -34.26
CA VAL A 763 17.10 -37.17 -34.76
C VAL A 763 15.70 -37.06 -35.42
N SER A 764 15.14 -35.85 -35.48
CA SER A 764 13.83 -35.59 -36.11
C SER A 764 13.98 -34.87 -37.46
N GLU A 765 13.52 -35.47 -38.55
CA GLU A 765 13.93 -35.00 -39.88
C GLU A 765 13.28 -33.69 -40.35
N PHE A 766 12.02 -33.72 -40.77
CA PHE A 766 11.37 -32.54 -41.32
C PHE A 766 11.37 -31.34 -40.33
N SER A 767 11.49 -31.65 -39.05
CA SER A 767 11.63 -30.64 -37.99
C SER A 767 12.97 -29.89 -38.09
N LEU A 768 14.03 -30.64 -38.40
CA LEU A 768 15.31 -30.07 -38.82
C LEU A 768 15.22 -29.40 -40.19
N ARG A 769 14.52 -29.99 -41.16
CA ARG A 769 14.39 -29.36 -42.48
C ARG A 769 13.76 -27.99 -42.35
N THR A 770 12.90 -27.85 -41.34
CA THR A 770 12.14 -26.62 -41.14
C THR A 770 13.05 -25.49 -40.72
N VAL A 771 13.86 -25.73 -39.71
CA VAL A 771 14.68 -24.66 -39.17
C VAL A 771 15.96 -24.41 -40.03
N SER A 772 16.54 -25.47 -40.61
CA SER A 772 17.62 -25.33 -41.61
C SER A 772 17.23 -24.36 -42.70
N SER A 773 16.00 -24.57 -43.14
CA SER A 773 15.40 -23.81 -44.22
C SER A 773 15.08 -22.34 -43.86
N ILE A 774 14.63 -22.12 -42.62
CA ILE A 774 14.38 -20.81 -42.08
C ILE A 774 15.68 -20.00 -42.01
N VAL A 775 16.73 -20.64 -41.53
CA VAL A 775 18.06 -20.04 -41.50
C VAL A 775 18.65 -19.73 -42.90
N LYS A 776 18.57 -20.67 -43.84
CA LYS A 776 18.98 -20.39 -45.23
C LYS A 776 18.30 -19.11 -45.70
N SER A 777 17.02 -18.99 -45.41
CA SER A 777 16.27 -17.76 -45.75
C SER A 777 16.97 -16.51 -45.26
N PHE A 778 17.41 -16.53 -44.00
CA PHE A 778 18.17 -15.42 -43.45
C PHE A 778 19.43 -15.17 -44.26
N LYS A 779 20.13 -16.24 -44.61
CA LYS A 779 21.31 -16.10 -45.47
C LYS A 779 20.97 -15.37 -46.78
N VAL A 780 19.84 -15.71 -47.40
CA VAL A 780 19.64 -15.15 -48.73
C VAL A 780 19.34 -13.67 -48.65
N ILE A 781 18.65 -13.24 -47.60
CA ILE A 781 18.50 -11.82 -47.30
C ILE A 781 19.87 -11.12 -47.08
N PHE A 782 20.71 -11.73 -46.26
CA PHE A 782 21.99 -11.11 -45.93
C PHE A 782 22.84 -11.00 -47.19
N ASP A 783 22.87 -12.04 -48.02
CA ASP A 783 23.55 -11.97 -49.31
C ASP A 783 22.99 -10.78 -50.14
N ALA A 784 21.68 -10.71 -50.35
CA ALA A 784 21.18 -9.57 -51.12
C ALA A 784 21.61 -8.26 -50.47
N LEU A 785 21.47 -8.19 -49.15
CA LEU A 785 21.59 -6.91 -48.43
C LEU A 785 23.02 -6.41 -48.34
N SER A 786 23.96 -7.33 -48.31
CA SER A 786 25.36 -6.99 -48.13
C SER A 786 26.13 -6.89 -49.45
N SER A 787 25.50 -7.23 -50.57
CA SER A 787 26.15 -7.23 -51.89
C SER A 787 26.29 -5.84 -52.55
N ASP A 788 27.38 -5.63 -53.29
CA ASP A 788 27.61 -4.33 -53.93
C ASP A 788 26.52 -3.99 -54.96
N THR A 789 25.72 -4.98 -55.33
CA THR A 789 24.57 -4.73 -56.19
C THR A 789 23.39 -4.09 -55.44
N ASN A 790 23.57 -3.83 -54.13
CA ASN A 790 22.49 -3.25 -53.34
C ASN A 790 22.46 -1.72 -53.44
N ASP A 791 21.63 -1.21 -54.35
CA ASP A 791 21.61 0.21 -54.65
C ASP A 791 20.81 1.00 -53.62
N ASN A 792 20.20 0.27 -52.68
CA ASN A 792 19.47 0.91 -51.58
C ASN A 792 20.34 0.98 -50.32
N ASP A 793 21.56 0.44 -50.40
CA ASP A 793 22.52 0.52 -49.29
C ASP A 793 22.74 1.95 -48.86
N GLY A 794 22.77 2.15 -47.54
CA GLY A 794 23.08 3.45 -46.94
C GLY A 794 21.88 4.24 -46.48
N THR A 795 20.69 3.84 -46.94
CA THR A 795 19.43 4.52 -46.61
C THR A 795 18.87 4.02 -45.29
N LEU A 796 17.87 4.74 -44.79
CA LEU A 796 17.19 4.40 -43.56
C LEU A 796 16.46 3.08 -43.68
N GLY A 797 15.69 2.98 -44.76
CA GLY A 797 14.82 1.85 -44.98
C GLY A 797 15.71 0.65 -45.04
N ASP A 798 16.90 0.82 -45.65
CA ASP A 798 17.87 -0.25 -45.77
C ASP A 798 18.42 -0.61 -44.39
N PHE A 799 18.72 0.39 -43.57
CA PHE A 799 19.14 0.13 -42.19
C PHE A 799 18.06 -0.64 -41.42
N LEU A 800 16.80 -0.21 -41.52
CA LEU A 800 15.71 -0.80 -40.74
C LEU A 800 15.57 -2.28 -41.08
N LEU A 801 15.65 -2.61 -42.35
CA LEU A 801 15.47 -3.99 -42.74
C LEU A 801 16.68 -4.80 -42.29
N LYS A 802 17.88 -4.24 -42.42
CA LYS A 802 19.07 -4.95 -41.95
C LYS A 802 18.96 -5.20 -40.42
N TRP A 803 18.36 -4.24 -39.73
CA TRP A 803 18.37 -4.22 -38.28
C TRP A 803 17.33 -5.24 -37.75
N SER A 804 16.11 -5.19 -38.28
CA SER A 804 15.09 -6.02 -37.70
C SER A 804 15.35 -7.46 -38.11
N THR A 805 15.83 -7.65 -39.35
CA THR A 805 16.25 -8.99 -39.82
C THR A 805 17.37 -9.57 -38.94
N SER A 806 18.37 -8.74 -38.67
CA SER A 806 19.46 -9.16 -37.76
C SER A 806 18.97 -9.54 -36.36
N ASN A 807 18.03 -8.79 -35.80
CA ASN A 807 17.59 -9.09 -34.45
C ASN A 807 16.95 -10.45 -34.40
N SER A 808 16.13 -10.79 -35.38
CA SER A 808 15.50 -12.10 -35.26
C SER A 808 16.50 -13.22 -35.54
N PHE A 809 17.44 -12.94 -36.44
CA PHE A 809 18.48 -13.91 -36.81
C PHE A 809 19.36 -14.21 -35.60
N ILE A 810 19.86 -13.18 -34.95
CA ILE A 810 20.69 -13.36 -33.76
C ILE A 810 20.01 -14.24 -32.69
N ASP A 811 18.70 -14.07 -32.51
CA ASP A 811 17.96 -14.81 -31.48
C ASP A 811 17.89 -16.28 -31.86
N ILE A 812 17.67 -16.55 -33.15
CA ILE A 812 17.55 -17.92 -33.66
C ILE A 812 18.87 -18.70 -33.56
N ILE A 813 19.98 -18.02 -33.90
CA ILE A 813 21.32 -18.62 -33.93
C ILE A 813 21.86 -18.86 -32.54
N ILE A 814 21.61 -17.92 -31.63
CA ILE A 814 22.05 -18.07 -30.26
C ILE A 814 21.28 -19.26 -29.66
N SER A 815 20.00 -19.34 -29.99
CA SER A 815 19.18 -20.39 -29.48
C SER A 815 19.72 -21.72 -30.03
N LEU A 816 20.09 -21.77 -31.31
CA LEU A 816 20.60 -23.01 -31.92
C LEU A 816 21.94 -23.45 -31.32
N LYS A 817 22.89 -22.53 -31.19
CA LYS A 817 24.19 -22.84 -30.61
C LYS A 817 24.11 -23.28 -29.14
N VAL A 818 23.14 -22.77 -28.40
CA VAL A 818 23.05 -23.11 -26.99
C VAL A 818 22.53 -24.53 -26.90
N PHE A 819 21.68 -24.90 -27.87
CA PHE A 819 21.17 -26.25 -27.93
C PHE A 819 22.30 -27.22 -28.29
N GLU A 820 22.95 -26.95 -29.40
CA GLU A 820 24.05 -27.79 -29.86
C GLU A 820 25.02 -28.07 -28.70
N LEU A 821 25.37 -27.07 -27.90
CA LEU A 821 26.29 -27.32 -26.79
C LEU A 821 25.63 -28.13 -25.65
N GLY A 822 24.31 -28.30 -25.70
CA GLY A 822 23.61 -29.06 -24.67
C GLY A 822 23.19 -30.46 -25.14
N VAL A 823 23.99 -31.05 -26.04
CA VAL A 823 23.81 -32.43 -26.49
C VAL A 823 25.07 -33.23 -26.18
N ALA A 824 24.86 -34.40 -25.57
CA ALA A 824 25.94 -35.27 -25.13
C ALA A 824 26.75 -35.79 -26.33
N GLU A 825 28.02 -36.12 -26.09
CA GLU A 825 28.83 -36.77 -27.11
C GLU A 825 28.17 -38.10 -27.47
N SER A 826 27.55 -38.72 -26.46
CA SER A 826 26.61 -39.85 -26.63
C SER A 826 25.79 -39.74 -27.93
N GLU A 827 25.43 -38.50 -28.31
CA GLU A 827 24.46 -38.25 -29.38
C GLU A 827 25.11 -38.03 -30.75
N LYS A 828 25.92 -38.99 -31.16
CA LYS A 828 26.68 -38.87 -32.40
C LYS A 828 25.79 -38.70 -33.64
N SER A 829 24.47 -38.68 -33.48
CA SER A 829 23.60 -38.44 -34.63
C SER A 829 22.97 -37.02 -34.62
N TRP A 830 22.57 -36.57 -33.43
CA TRP A 830 22.09 -35.20 -33.24
C TRP A 830 23.20 -34.18 -33.45
N ARG A 831 24.33 -34.40 -32.82
CA ARG A 831 25.44 -33.47 -32.90
C ARG A 831 25.93 -33.36 -34.33
N HIS A 832 25.88 -34.46 -35.07
CA HIS A 832 26.40 -34.49 -36.43
C HIS A 832 25.42 -33.79 -37.36
N ALA A 833 24.13 -33.93 -37.09
CA ALA A 833 23.12 -33.34 -37.97
C ALA A 833 23.02 -31.82 -37.80
N LEU A 834 23.30 -31.33 -36.59
CA LEU A 834 23.28 -29.90 -36.29
C LEU A 834 24.42 -29.16 -37.00
N ARG A 835 25.61 -29.75 -36.91
CA ARG A 835 26.77 -29.20 -37.58
C ARG A 835 26.58 -29.34 -39.10
N GLU A 836 25.87 -30.39 -39.50
CA GLU A 836 25.49 -30.58 -40.89
C GLU A 836 24.69 -29.40 -41.47
N ASN A 837 23.73 -28.88 -40.69
CA ASN A 837 22.80 -27.87 -41.23
C ASN A 837 23.16 -26.40 -40.95
N PHE A 838 23.90 -26.14 -39.89
CA PHE A 838 24.05 -24.77 -39.43
C PHE A 838 25.46 -24.25 -39.47
N VAL A 839 26.46 -25.12 -39.28
CA VAL A 839 27.87 -24.71 -39.24
C VAL A 839 28.43 -24.41 -40.64
N PRO A 840 29.14 -23.28 -40.80
CA PRO A 840 29.29 -22.18 -39.83
C PRO A 840 27.96 -21.41 -39.57
N TYR A 841 27.73 -21.13 -38.27
CA TYR A 841 26.50 -20.48 -37.85
C TYR A 841 26.26 -19.07 -38.47
N VAL A 842 27.29 -18.22 -38.48
CA VAL A 842 27.20 -16.90 -39.08
C VAL A 842 28.13 -16.83 -40.30
N THR A 843 27.59 -16.55 -41.49
CA THR A 843 28.39 -16.51 -42.72
C THR A 843 28.93 -15.13 -42.98
N ASP A 844 29.79 -15.01 -44.00
CA ASP A 844 30.47 -13.75 -44.30
C ASP A 844 29.49 -12.60 -44.41
N SER A 845 28.50 -12.79 -45.25
CA SER A 845 27.56 -11.74 -45.48
C SER A 845 26.76 -11.42 -44.15
N ALA A 846 26.49 -12.44 -43.33
CA ALA A 846 25.87 -12.17 -42.02
C ALA A 846 26.78 -11.30 -41.12
N ASN A 847 28.06 -11.67 -41.02
CA ASN A 847 29.00 -10.80 -40.33
C ASN A 847 28.93 -9.37 -40.89
N GLN A 848 28.89 -9.23 -42.22
CA GLN A 848 28.94 -7.89 -42.79
C GLN A 848 27.67 -7.08 -42.45
N VAL A 849 26.51 -7.75 -42.45
CA VAL A 849 25.28 -7.01 -42.13
C VAL A 849 25.19 -6.59 -40.66
N LEU A 850 25.47 -7.50 -39.75
CA LEU A 850 25.52 -7.16 -38.33
C LEU A 850 26.48 -5.99 -38.08
N LEU A 851 27.64 -5.96 -38.75
CA LEU A 851 28.55 -4.83 -38.58
C LEU A 851 27.92 -3.52 -39.10
N LYS A 852 27.25 -3.59 -40.23
CA LYS A 852 26.66 -2.36 -40.76
C LYS A 852 25.56 -1.87 -39.85
N VAL A 853 24.83 -2.80 -39.25
CA VAL A 853 23.70 -2.43 -38.39
C VAL A 853 24.27 -1.77 -37.15
N PHE A 854 25.33 -2.38 -36.60
CA PHE A 854 26.02 -1.80 -35.46
C PHE A 854 26.46 -0.38 -35.80
N LEU A 855 27.03 -0.20 -36.99
CA LEU A 855 27.61 1.10 -37.35
C LEU A 855 26.51 2.14 -37.53
N TYR A 856 25.34 1.72 -37.93
CA TYR A 856 24.30 2.70 -38.12
C TYR A 856 23.90 3.21 -36.75
N LEU A 857 23.67 2.26 -35.84
CA LEU A 857 23.25 2.59 -34.49
C LEU A 857 24.29 3.45 -33.79
N GLU A 858 25.56 3.12 -33.99
CA GLU A 858 26.62 3.83 -33.31
C GLU A 858 26.62 5.30 -33.75
N SER A 859 26.54 5.54 -35.06
CA SER A 859 26.48 6.92 -35.52
C SER A 859 25.17 7.61 -35.19
N LEU A 860 24.05 6.87 -35.14
CA LEU A 860 22.79 7.50 -34.71
C LEU A 860 22.92 8.09 -33.30
N PHE A 861 23.57 7.34 -32.40
CA PHE A 861 23.73 7.82 -31.04
C PHE A 861 24.80 8.90 -30.96
N ALA A 862 25.97 8.63 -31.53
CA ALA A 862 27.04 9.63 -31.59
C ALA A 862 26.54 11.02 -32.06
N ASN A 863 25.75 11.04 -33.12
CA ASN A 863 25.39 12.30 -33.75
C ASN A 863 24.50 13.16 -32.87
N GLU A 864 23.69 12.51 -32.04
CA GLU A 864 22.88 13.24 -31.09
C GLU A 864 23.66 14.27 -30.26
N SER A 865 24.94 13.99 -29.97
CA SER A 865 25.80 14.96 -29.32
C SER A 865 26.96 15.50 -30.20
N SER A 866 26.81 15.39 -31.51
CA SER A 866 27.88 15.78 -32.44
C SER A 866 29.25 15.24 -32.06
N GLU A 867 29.29 14.00 -31.54
CA GLU A 867 30.56 13.31 -31.30
C GLU A 867 31.32 12.97 -32.58
N HIS A 868 32.64 13.14 -32.59
CA HIS A 868 33.41 12.75 -33.78
C HIS A 868 34.00 11.38 -33.58
N LEU A 869 33.51 10.42 -34.36
CA LEU A 869 33.94 9.02 -34.23
C LEU A 869 35.17 8.80 -35.07
N ASP A 870 35.98 7.82 -34.70
CA ASP A 870 37.00 7.36 -35.61
C ASP A 870 36.40 6.23 -36.40
N ARG A 871 37.03 5.91 -37.52
CA ARG A 871 36.44 5.02 -38.49
C ARG A 871 37.55 4.23 -39.14
N ASN A 872 37.24 3.04 -39.60
CA ASN A 872 38.11 2.33 -40.51
C ASN A 872 38.16 3.10 -41.85
N PRO A 873 39.19 2.85 -42.66
CA PRO A 873 39.42 3.61 -43.90
C PRO A 873 38.25 3.58 -44.91
N GLN A 874 37.59 2.46 -45.07
CA GLN A 874 36.56 2.48 -46.07
C GLN A 874 35.21 2.37 -45.40
N GLU A 875 35.16 2.86 -44.17
CA GLU A 875 33.94 2.91 -43.42
C GLU A 875 33.20 4.12 -43.95
N ASP A 876 31.93 3.94 -44.31
CA ASP A 876 31.10 4.97 -44.91
C ASP A 876 31.10 6.29 -44.14
N VAL A 877 31.74 7.35 -44.66
CA VAL A 877 31.68 8.64 -43.93
C VAL A 877 30.33 9.36 -43.93
N ASN A 878 29.40 8.95 -44.79
CA ASN A 878 28.03 9.50 -44.74
C ASN A 878 27.35 9.18 -43.40
N LEU A 879 27.89 8.17 -42.68
CA LEU A 879 27.39 7.88 -41.33
C LEU A 879 27.45 9.10 -40.43
N ASN A 880 28.31 10.07 -40.76
CA ASN A 880 28.43 11.33 -40.02
C ASN A 880 27.16 12.23 -39.97
N ASP A 881 26.19 11.97 -40.85
CA ASP A 881 25.03 12.87 -41.00
C ASP A 881 23.68 12.22 -40.61
N ILE A 882 23.69 10.95 -40.24
CA ILE A 882 22.45 10.25 -40.11
C ILE A 882 21.73 10.70 -38.85
N LYS A 883 20.39 10.58 -38.91
CA LYS A 883 19.48 11.14 -37.92
C LYS A 883 18.26 10.25 -37.92
N TYR A 884 17.67 9.97 -36.77
CA TYR A 884 16.47 9.16 -36.76
C TYR A 884 15.70 9.30 -35.46
N ASP A 885 14.50 9.86 -35.57
CA ASP A 885 13.63 10.10 -34.42
C ASP A 885 12.73 8.89 -34.13
N GLY A 886 12.77 7.87 -34.97
CA GLY A 886 11.79 6.81 -34.95
C GLY A 886 11.85 5.72 -33.88
N PHE A 887 12.89 5.70 -33.02
CA PHE A 887 13.00 4.62 -32.02
C PHE A 887 12.27 4.94 -30.76
N GLY A 888 11.55 3.91 -30.26
CA GLY A 888 10.68 4.00 -29.10
C GLY A 888 11.26 4.64 -27.84
N ASP A 889 12.38 4.13 -27.33
CA ASP A 889 13.00 4.68 -26.13
C ASP A 889 14.41 5.25 -26.40
N GLY A 890 14.67 5.70 -27.63
CA GLY A 890 15.94 6.35 -27.94
C GLY A 890 17.06 5.51 -28.58
N CYS A 891 17.91 6.19 -29.35
CA CYS A 891 19.05 5.57 -30.04
C CYS A 891 19.98 4.88 -29.05
N GLU A 892 20.26 5.52 -27.91
CA GLU A 892 21.19 4.88 -26.97
C GLU A 892 20.71 3.44 -26.65
N LYS A 893 19.41 3.28 -26.36
CA LYS A 893 18.83 2.00 -25.94
C LYS A 893 19.03 0.94 -27.00
N GLU A 894 18.83 1.34 -28.25
CA GLU A 894 18.92 0.39 -29.37
C GLU A 894 20.38 0.02 -29.66
N LEU A 895 21.31 0.96 -29.43
CA LEU A 895 22.74 0.72 -29.56
C LEU A 895 23.18 -0.30 -28.54
N LEU A 896 22.85 -0.06 -27.27
CA LEU A 896 23.20 -1.02 -26.20
C LEU A 896 22.62 -2.43 -26.45
N LEU A 897 21.33 -2.51 -26.84
CA LEU A 897 20.71 -3.82 -27.01
C LEU A 897 21.39 -4.57 -28.13
N PHE A 898 21.68 -3.89 -29.23
CA PHE A 898 22.29 -4.58 -30.34
C PHE A 898 23.67 -5.02 -29.92
N THR A 899 24.37 -4.13 -29.20
CA THR A 899 25.74 -4.42 -28.83
C THR A 899 25.74 -5.58 -27.84
N ILE A 900 24.71 -5.65 -26.99
CA ILE A 900 24.54 -6.78 -26.10
C ILE A 900 24.31 -8.03 -26.93
N LYS A 901 23.47 -7.97 -27.94
CA LYS A 901 23.25 -9.18 -28.73
C LYS A 901 24.58 -9.59 -29.33
N LEU A 902 25.38 -8.61 -29.75
CA LEU A 902 26.68 -8.93 -30.39
C LEU A 902 27.67 -9.59 -29.38
N LYS A 903 27.75 -9.02 -28.18
CA LYS A 903 28.48 -9.63 -27.08
C LYS A 903 28.05 -11.09 -26.86
N GLY A 904 26.74 -11.32 -26.84
CA GLY A 904 26.23 -12.68 -26.65
C GLY A 904 26.79 -13.65 -27.67
N LEU A 905 26.87 -13.21 -28.92
CA LEU A 905 27.45 -14.05 -29.96
C LEU A 905 28.92 -14.21 -29.72
N MET A 906 29.59 -13.13 -29.35
CA MET A 906 31.05 -13.22 -29.22
C MET A 906 31.45 -14.18 -28.11
N LYS A 907 30.66 -14.22 -27.04
CA LYS A 907 30.98 -15.05 -25.90
C LYS A 907 30.91 -16.53 -26.27
N LEU A 908 29.97 -16.91 -27.13
CA LEU A 908 29.98 -18.23 -27.75
C LEU A 908 30.96 -18.27 -28.93
N GLY A 909 31.74 -17.20 -29.10
CA GLY A 909 32.60 -17.04 -30.28
C GLY A 909 32.04 -17.43 -31.64
N LEU A 910 30.93 -16.83 -32.08
CA LEU A 910 30.40 -17.14 -33.42
C LEU A 910 30.71 -16.02 -34.43
N LEU A 911 31.21 -14.89 -33.92
CA LEU A 911 31.52 -13.73 -34.75
C LEU A 911 32.96 -13.72 -35.24
N ASP A 912 33.15 -13.07 -36.39
CA ASP A 912 34.47 -12.77 -36.87
C ASP A 912 35.11 -11.82 -35.85
N GLU A 913 35.92 -12.34 -34.92
CA GLU A 913 36.56 -11.50 -33.90
C GLU A 913 37.38 -10.34 -34.49
N ALA A 914 37.97 -10.56 -35.65
CA ALA A 914 38.78 -9.52 -36.27
C ALA A 914 37.85 -8.40 -36.72
N LEU A 915 36.84 -8.76 -37.50
CA LEU A 915 35.86 -7.79 -37.93
C LEU A 915 35.30 -7.02 -36.71
N PHE A 916 34.75 -7.73 -35.73
CA PHE A 916 34.00 -7.03 -34.70
C PHE A 916 34.79 -6.34 -33.62
N SER A 917 36.12 -6.29 -33.77
CA SER A 917 36.96 -5.52 -32.85
C SER A 917 36.56 -4.06 -32.92
N ARG A 918 35.89 -3.74 -34.03
CA ARG A 918 35.54 -2.38 -34.41
C ARG A 918 34.56 -1.78 -33.40
N ILE A 919 33.79 -2.63 -32.70
CA ILE A 919 32.79 -2.10 -31.78
C ILE A 919 33.46 -1.35 -30.62
N ALA A 920 34.76 -1.61 -30.45
CA ALA A 920 35.54 -1.01 -29.36
C ALA A 920 36.22 0.31 -29.71
N LEU A 921 36.45 0.55 -31.01
CA LEU A 921 37.17 1.74 -31.49
C LEU A 921 36.72 3.06 -30.86
N ASN A 922 35.40 3.24 -30.65
CA ASN A 922 34.91 4.46 -30.02
C ASN A 922 34.30 4.29 -28.62
N LYS A 923 34.70 3.23 -27.91
CA LYS A 923 34.12 2.96 -26.59
C LYS A 923 34.18 4.19 -25.69
N GLU A 924 35.27 4.94 -25.79
CA GLU A 924 35.45 6.14 -24.99
C GLU A 924 34.64 7.32 -25.47
N LYS A 925 33.93 7.19 -26.58
CA LYS A 925 33.28 8.39 -27.10
C LYS A 925 31.80 8.30 -26.89
N LEU A 926 31.35 7.18 -26.35
CA LEU A 926 29.94 6.84 -26.42
C LEU A 926 29.20 6.84 -25.09
N GLY A 927 29.81 7.40 -24.06
CA GLY A 927 29.20 7.40 -22.75
C GLY A 927 29.48 6.16 -21.93
N PRO A 928 29.01 6.18 -20.68
CA PRO A 928 29.32 5.25 -19.58
C PRO A 928 28.69 3.85 -19.71
N LEU A 929 27.41 3.81 -20.06
CA LEU A 929 26.71 2.56 -20.36
C LEU A 929 27.39 1.73 -21.51
N TYR A 930 27.66 2.36 -22.64
CA TYR A 930 28.26 1.64 -23.75
C TYR A 930 29.57 1.12 -23.24
N ALA A 931 30.31 1.99 -22.56
CA ALA A 931 31.63 1.64 -22.07
C ALA A 931 31.52 0.44 -21.13
N LYS A 932 30.41 0.40 -20.40
CA LYS A 932 30.16 -0.68 -19.45
C LYS A 932 29.96 -1.99 -20.20
N VAL A 933 29.00 -2.00 -21.14
CA VAL A 933 28.76 -3.15 -22.03
C VAL A 933 30.03 -3.68 -22.74
N ILE A 934 31.01 -2.82 -22.98
CA ILE A 934 32.25 -3.23 -23.63
C ILE A 934 33.22 -4.01 -22.74
N GLU A 935 33.55 -3.46 -21.56
CA GLU A 935 34.16 -4.25 -20.47
C GLU A 935 33.80 -5.74 -20.57
#